data_3G74
#
_entry.id   3G74
#
_cell.length_a   113.996
_cell.length_b   107.961
_cell.length_c   67.691
_cell.angle_alpha   90.00
_cell.angle_beta   92.28
_cell.angle_gamma   90.00
#
_symmetry.space_group_name_H-M   'C 1 2 1'
#
loop_
_entity.id
_entity.type
_entity.pdbx_description
1 polymer 'Protein of unknown function'
2 non-polymer 'SULFATE ION'
3 water water
#
_entity_poly.entity_id   1
_entity_poly.type   'polypeptide(L)'
_entity_poly.pdbx_seq_one_letter_code
;SNA(MSE)SDTLYIK(MSE)DQAVEITKKQVTVGDVAKLQCKNKNITNRLKS(MSE)KLLEDTTKGKKRYIVSI(MSE)K
IIE(MSE)ADQTFQNVDIQNIGETECVVEFKTPKKDDGP(MSE)
;
_entity_poly.pdbx_strand_id   A,B,C,D,E,F,G,H
#
loop_
_chem_comp.id
_chem_comp.type
_chem_comp.name
_chem_comp.formula
SO4 non-polymer 'SULFATE ION' 'O4 S -2'
#
# COMPACT_ATOMS: atom_id res chain seq x y z
N ALA A 3 24.67 -26.97 -8.97
CA ALA A 3 24.36 -26.11 -7.79
C ALA A 3 22.93 -25.57 -7.91
N MSE A 4 22.03 -26.04 -7.04
CA MSE A 4 20.62 -25.67 -7.14
C MSE A 4 20.07 -25.06 -5.85
O MSE A 4 20.03 -25.71 -4.78
CB MSE A 4 19.73 -26.87 -7.56
CG MSE A 4 20.35 -27.96 -8.47
SE MSE A 4 20.75 -29.64 -7.48
CE MSE A 4 18.97 -30.13 -6.81
N SER A 5 19.63 -23.80 -5.94
CA SER A 5 18.92 -23.21 -4.82
C SER A 5 17.43 -23.47 -4.97
N ASP A 6 16.77 -23.81 -3.87
CA ASP A 6 15.32 -23.89 -3.84
C ASP A 6 14.74 -22.49 -3.63
N THR A 7 13.67 -22.17 -4.32
CA THR A 7 13.00 -20.93 -4.02
C THR A 7 11.75 -21.15 -3.18
N LEU A 8 11.71 -20.51 -2.02
CA LEU A 8 10.54 -20.58 -1.15
C LEU A 8 9.69 -19.32 -1.22
N TYR A 9 8.40 -19.51 -1.50
CA TYR A 9 7.48 -18.39 -1.60
C TYR A 9 6.60 -18.34 -0.34
N ILE A 10 6.62 -17.19 0.35
CA ILE A 10 5.82 -17.02 1.55
C ILE A 10 4.79 -15.89 1.47
N LYS A 11 3.54 -16.22 1.78
CA LYS A 11 2.52 -15.20 1.85
C LYS A 11 1.87 -15.24 3.22
N MSE A 12 2.26 -14.34 4.08
CA MSE A 12 1.70 -14.35 5.40
C MSE A 12 0.39 -13.57 5.42
O MSE A 12 0.22 -12.61 4.65
CB MSE A 12 2.69 -13.81 6.40
CG MSE A 12 2.39 -14.23 7.81
SE MSE A 12 3.82 -13.72 9.01
CE MSE A 12 4.21 -11.89 8.36
N ASP A 13 -0.53 -14.03 6.27
CA ASP A 13 -1.80 -13.37 6.54
C ASP A 13 -1.63 -12.12 7.38
N GLN A 14 -2.64 -11.28 7.42
CA GLN A 14 -2.61 -10.04 8.20
C GLN A 14 -2.99 -10.33 9.66
N ALA A 15 -4.02 -11.14 9.84
CA ALA A 15 -4.47 -11.51 11.18
C ALA A 15 -4.93 -12.97 11.16
N VAL A 16 -4.86 -13.65 12.30
CA VAL A 16 -5.31 -15.03 12.35
C VAL A 16 -5.93 -15.38 13.69
N GLU A 17 -7.08 -16.05 13.63
CA GLU A 17 -7.73 -16.52 14.85
C GLU A 17 -7.42 -18.01 15.05
N ILE A 18 -6.97 -18.36 16.25
CA ILE A 18 -6.46 -19.70 16.50
C ILE A 18 -7.06 -20.23 17.77
N THR A 19 -7.57 -21.46 17.71
CA THR A 19 -8.20 -22.09 18.87
C THR A 19 -7.20 -23.02 19.53
N LYS A 20 -6.20 -23.44 18.74
CA LYS A 20 -5.20 -24.44 19.13
C LYS A 20 -4.38 -24.10 20.36
N LYS A 21 -3.67 -25.11 20.86
CA LYS A 21 -2.60 -24.95 21.83
C LYS A 21 -1.32 -24.34 21.21
N GLN A 22 -0.92 -24.78 20.01
CA GLN A 22 0.23 -24.17 19.32
C GLN A 22 -0.14 -23.56 17.97
N VAL A 23 0.52 -22.48 17.61
CA VAL A 23 0.42 -21.89 16.30
C VAL A 23 1.67 -22.20 15.52
N THR A 24 1.54 -22.76 14.33
CA THR A 24 2.70 -23.04 13.49
C THR A 24 2.76 -22.11 12.29
N VAL A 25 3.91 -22.09 11.63
CA VAL A 25 4.15 -21.28 10.45
C VAL A 25 3.02 -21.44 9.45
N GLY A 26 2.54 -22.67 9.31
CA GLY A 26 1.47 -23.00 8.38
C GLY A 26 0.13 -22.42 8.79
N ASP A 27 -0.13 -22.31 10.09
CA ASP A 27 -1.31 -21.56 10.56
C ASP A 27 -1.28 -20.05 10.25
N VAL A 28 -0.16 -19.56 9.77
CA VAL A 28 0.04 -18.14 9.73
C VAL A 28 0.32 -17.68 8.31
N ALA A 29 0.73 -18.62 7.46
CA ALA A 29 1.15 -18.26 6.12
C ALA A 29 0.93 -19.43 5.19
N LYS A 30 0.61 -19.10 3.93
CA LYS A 30 0.68 -20.08 2.84
C LYS A 30 2.07 -20.23 2.25
N LEU A 31 2.46 -21.45 1.88
CA LEU A 31 3.83 -21.66 1.41
C LEU A 31 3.86 -22.30 0.03
N GLN A 32 4.87 -22.02 -0.75
CA GLN A 32 5.11 -22.76 -2.00
C GLN A 32 6.59 -22.98 -2.19
N CYS A 33 6.99 -24.22 -2.37
CA CYS A 33 8.30 -24.46 -2.90
C CYS A 33 8.21 -25.67 -3.81
N LYS A 34 8.90 -25.60 -4.94
CA LYS A 34 9.08 -26.75 -5.79
C LYS A 34 9.56 -27.96 -5.00
N ASN A 35 10.51 -27.79 -4.08
CA ASN A 35 11.03 -28.89 -3.22
C ASN A 35 10.17 -29.03 -1.95
N LYS A 36 9.37 -30.09 -1.94
CA LYS A 36 8.36 -30.25 -0.90
C LYS A 36 8.97 -30.48 0.46
N ASN A 37 10.26 -30.87 0.54
CA ASN A 37 10.85 -31.12 1.84
C ASN A 37 10.93 -29.83 2.60
N ILE A 38 11.05 -28.74 1.85
CA ILE A 38 11.17 -27.40 2.44
C ILE A 38 9.87 -27.01 3.14
N THR A 39 8.77 -26.97 2.39
CA THR A 39 7.48 -26.54 2.93
C THR A 39 6.93 -27.52 3.96
N ASN A 40 7.11 -28.84 3.74
CA ASN A 40 6.64 -29.82 4.74
C ASN A 40 7.30 -29.54 6.07
N ARG A 41 8.60 -29.35 6.09
CA ARG A 41 9.25 -29.08 7.36
CA ARG A 41 9.29 -29.06 7.35
C ARG A 41 8.76 -27.74 7.92
N LEU A 42 8.80 -26.68 7.11
CA LEU A 42 8.45 -25.35 7.58
C LEU A 42 6.98 -25.21 7.95
N LYS A 43 6.09 -25.87 7.25
CA LYS A 43 4.67 -25.80 7.62
C LYS A 43 4.52 -26.04 9.16
N SER A 44 5.17 -27.08 9.68
CA SER A 44 4.95 -27.60 11.04
C SER A 44 5.77 -26.99 12.15
N MSE A 45 6.54 -25.94 11.86
CA MSE A 45 7.44 -25.48 12.90
C MSE A 45 6.76 -24.57 13.86
O MSE A 45 6.05 -23.62 13.44
CB MSE A 45 8.68 -24.82 12.32
CG MSE A 45 9.75 -25.80 11.88
SE MSE A 45 11.29 -24.90 11.10
CE MSE A 45 12.38 -24.75 12.72
N LYS A 46 6.92 -24.87 15.16
CA LYS A 46 6.32 -24.09 16.23
C LYS A 46 6.78 -22.64 16.07
N LEU A 47 5.82 -21.71 16.10
CA LEU A 47 6.10 -20.28 16.12
C LEU A 47 5.95 -19.76 17.55
N LEU A 48 5.01 -20.38 18.25
CA LEU A 48 4.62 -20.03 19.60
C LEU A 48 3.50 -20.96 20.08
N GLU A 49 3.33 -21.01 21.40
CA GLU A 49 2.34 -21.82 22.11
C GLU A 49 1.46 -20.95 23.06
N ASP A 50 0.16 -21.26 23.12
CA ASP A 50 -0.87 -20.41 23.76
C ASP A 50 -0.57 -19.97 25.21
N THR A 51 -0.61 -20.92 26.14
CA THR A 51 -0.45 -20.62 27.56
C THR A 51 0.97 -20.22 27.94
N LYS A 56 -2.93 -13.65 24.84
CA LYS A 56 -4.16 -13.38 24.11
C LYS A 56 -3.91 -13.21 22.59
N ARG A 57 -3.04 -12.26 22.25
CA ARG A 57 -2.62 -12.11 20.86
C ARG A 57 -1.14 -11.80 20.75
N TYR A 58 -0.53 -12.31 19.68
CA TYR A 58 0.91 -12.26 19.51
C TYR A 58 1.17 -11.88 18.09
N ILE A 59 2.04 -10.92 17.89
CA ILE A 59 2.28 -10.51 16.53
C ILE A 59 3.48 -11.31 16.01
N VAL A 60 3.41 -11.74 14.75
CA VAL A 60 4.50 -12.44 14.13
C VAL A 60 5.07 -11.56 13.03
N SER A 61 6.40 -11.43 13.05
CA SER A 61 7.13 -10.76 12.02
C SER A 61 7.57 -11.76 10.97
N ILE A 62 7.56 -11.34 9.70
CA ILE A 62 8.06 -12.17 8.63
C ILE A 62 9.54 -12.50 8.87
N MSE A 63 10.29 -11.54 9.40
CA MSE A 63 11.70 -11.78 9.70
C MSE A 63 11.91 -12.99 10.64
O MSE A 63 12.87 -13.72 10.47
CB MSE A 63 12.39 -10.54 10.27
CG MSE A 63 12.33 -9.30 9.37
SE MSE A 63 13.19 -9.56 7.62
CE MSE A 63 14.89 -8.75 7.96
N LYS A 64 11.03 -13.21 11.61
CA LYS A 64 11.09 -14.41 12.43
C LYS A 64 10.99 -15.69 11.58
N ILE A 65 10.04 -15.75 10.66
CA ILE A 65 9.91 -16.93 9.79
C ILE A 65 11.13 -17.12 8.89
N ILE A 66 11.67 -16.01 8.39
CA ILE A 66 12.88 -16.06 7.57
C ILE A 66 14.12 -16.49 8.36
N GLU A 67 14.29 -15.96 9.56
CA GLU A 67 15.35 -16.42 10.41
C GLU A 67 15.25 -17.95 10.58
N MSE A 68 14.03 -18.45 10.77
CA MSE A 68 13.82 -19.87 11.02
C MSE A 68 14.18 -20.69 9.80
O MSE A 68 14.85 -21.75 9.92
CB MSE A 68 12.38 -20.15 11.43
CG MSE A 68 12.02 -19.74 12.84
SE MSE A 68 10.10 -20.03 13.11
CE MSE A 68 10.13 -21.96 13.36
N ALA A 69 13.77 -20.23 8.63
CA ALA A 69 14.03 -20.97 7.42
C ALA A 69 15.54 -21.00 7.19
N ASP A 70 16.22 -19.87 7.48
CA ASP A 70 17.65 -19.72 7.23
C ASP A 70 18.42 -20.58 8.20
N GLN A 71 17.86 -20.78 9.38
CA GLN A 71 18.47 -21.59 10.42
C GLN A 71 18.21 -23.07 10.19
N THR A 72 17.15 -23.41 9.46
CA THR A 72 16.80 -24.81 9.29
C THR A 72 17.39 -25.43 8.01
N PHE A 73 17.49 -24.63 6.96
CA PHE A 73 17.67 -25.09 5.59
C PHE A 73 18.96 -24.67 4.93
N GLN A 74 19.41 -25.48 3.97
CA GLN A 74 20.73 -25.29 3.36
C GLN A 74 20.82 -24.28 2.17
N ASN A 75 20.02 -24.48 1.13
CA ASN A 75 20.14 -23.66 -0.08
C ASN A 75 18.77 -23.21 -0.50
N VAL A 76 18.20 -22.36 0.36
CA VAL A 76 16.82 -21.99 0.30
C VAL A 76 16.78 -20.49 0.38
N ASP A 77 16.50 -19.83 -0.73
CA ASP A 77 16.24 -18.40 -0.62
C ASP A 77 14.77 -18.08 -0.70
N ILE A 78 14.39 -17.04 0.00
CA ILE A 78 13.02 -16.76 0.24
C ILE A 78 12.53 -15.52 -0.52
N GLN A 79 11.31 -15.61 -0.94
CA GLN A 79 10.69 -14.54 -1.61
C GLN A 79 9.33 -14.27 -0.95
N ASN A 80 9.23 -13.09 -0.33
CA ASN A 80 8.06 -12.69 0.46
C ASN A 80 6.94 -12.10 -0.36
N ILE A 81 5.83 -12.80 -0.44
CA ILE A 81 4.72 -12.37 -1.29
C ILE A 81 3.68 -11.66 -0.46
N GLY A 82 3.70 -11.82 0.86
CA GLY A 82 2.58 -11.33 1.64
C GLY A 82 2.86 -10.25 2.67
N GLU A 83 2.15 -10.31 3.78
CA GLU A 83 2.38 -9.34 4.85
C GLU A 83 3.77 -9.52 5.51
N THR A 84 4.20 -8.53 6.28
CA THR A 84 5.50 -8.52 6.95
C THR A 84 5.25 -8.65 8.43
N GLU A 85 4.00 -8.39 8.82
CA GLU A 85 3.59 -8.46 10.22
C GLU A 85 2.25 -9.17 10.26
N CYS A 86 2.01 -9.96 11.29
CA CYS A 86 0.77 -10.73 11.42
C CYS A 86 0.30 -10.82 12.88
N VAL A 87 -0.97 -10.47 13.12
CA VAL A 87 -1.54 -10.60 14.44
C VAL A 87 -2.24 -11.95 14.61
N VAL A 88 -1.67 -12.79 15.47
CA VAL A 88 -2.31 -14.04 15.89
C VAL A 88 -3.06 -13.80 17.19
N GLU A 89 -4.36 -14.09 17.18
CA GLU A 89 -5.18 -13.99 18.39
C GLU A 89 -5.78 -15.34 18.79
N PHE A 90 -5.48 -15.76 20.01
CA PHE A 90 -6.01 -17.02 20.53
C PHE A 90 -7.46 -16.90 21.00
N LYS A 91 -8.33 -17.77 20.46
CA LYS A 91 -9.68 -17.93 20.99
C LYS A 91 -9.66 -18.91 22.16
N THR A 92 -10.81 -19.52 22.43
CA THR A 92 -11.05 -20.38 23.60
C THR A 92 -11.08 -19.59 24.95
N PRO A 93 -11.65 -18.36 24.95
CA PRO A 93 -11.71 -17.61 26.21
C PRO A 93 -12.89 -18.04 27.09
N MSE B 4 28.45 -20.01 -2.77
CA MSE B 4 28.65 -18.95 -3.80
C MSE B 4 27.80 -17.67 -3.58
O MSE B 4 28.34 -16.56 -3.59
CB MSE B 4 28.46 -19.53 -5.21
CG MSE B 4 26.99 -19.72 -5.66
SE MSE B 4 26.00 -21.23 -4.86
CE MSE B 4 27.24 -22.70 -5.33
N SER B 5 26.50 -17.82 -3.37
CA SER B 5 25.61 -16.65 -3.40
C SER B 5 24.71 -16.58 -2.18
N ASP B 6 24.81 -15.47 -1.43
CA ASP B 6 24.02 -15.27 -0.22
C ASP B 6 22.94 -14.23 -0.42
N THR B 7 21.81 -14.46 0.25
CA THR B 7 20.68 -13.56 0.11
C THR B 7 20.45 -12.80 1.42
N LEU B 8 20.56 -11.48 1.33
CA LEU B 8 20.35 -10.57 2.45
C LEU B 8 18.93 -10.04 2.44
N TYR B 9 18.26 -10.11 3.59
CA TYR B 9 16.88 -9.63 3.72
C TYR B 9 16.86 -8.37 4.55
N ILE B 10 16.33 -7.32 3.96
CA ILE B 10 16.29 -6.01 4.60
C ILE B 10 14.88 -5.52 4.81
N LYS B 11 14.54 -5.29 6.08
CA LYS B 11 13.27 -4.69 6.41
C LYS B 11 13.47 -3.29 7.00
N MSE B 12 13.44 -2.30 6.11
CA MSE B 12 13.68 -0.92 6.52
C MSE B 12 12.45 -0.25 7.13
O MSE B 12 11.30 -0.51 6.72
CB MSE B 12 14.20 -0.10 5.35
CG MSE B 12 14.63 1.29 5.78
SE MSE B 12 15.57 2.30 4.44
CE MSE B 12 14.14 2.55 3.22
N ASP B 13 12.67 0.57 8.16
CA ASP B 13 11.58 1.33 8.80
C ASP B 13 11.10 2.48 7.92
N GLN B 14 9.92 2.99 8.22
CA GLN B 14 9.32 4.05 7.46
C GLN B 14 9.84 5.37 8.03
N ALA B 15 10.04 5.39 9.34
CA ALA B 15 10.39 6.60 10.07
C ALA B 15 11.11 6.21 11.35
N VAL B 16 12.14 6.96 11.73
CA VAL B 16 12.91 6.67 12.94
C VAL B 16 13.37 7.98 13.57
N GLU B 17 13.23 8.05 14.89
CA GLU B 17 13.69 9.18 15.68
C GLU B 17 15.09 8.89 16.19
N ILE B 18 16.04 9.77 15.96
CA ILE B 18 17.39 9.46 16.39
C ILE B 18 17.91 10.51 17.35
N THR B 19 18.59 10.02 18.38
CA THR B 19 19.05 10.84 19.47
C THR B 19 20.58 11.01 19.50
N LYS B 20 21.27 10.19 18.70
CA LYS B 20 22.74 10.22 18.56
C LYS B 20 23.14 10.97 17.28
N LYS B 21 24.43 11.21 17.07
CA LYS B 21 24.90 12.04 15.93
C LYS B 21 24.90 11.32 14.55
N GLN B 22 25.10 10.00 14.54
CA GLN B 22 24.95 9.29 13.27
C GLN B 22 24.06 8.08 13.40
N VAL B 23 23.65 7.57 12.25
CA VAL B 23 22.71 6.49 12.15
C VAL B 23 23.37 5.39 11.37
N THR B 24 23.39 4.19 11.94
CA THR B 24 23.83 2.98 11.24
C THR B 24 22.65 2.31 10.52
N VAL B 25 22.93 1.43 9.56
CA VAL B 25 21.92 0.60 8.89
C VAL B 25 21.02 -0.04 9.92
N GLY B 26 21.64 -0.54 11.00
CA GLY B 26 20.91 -1.19 12.09
C GLY B 26 19.89 -0.31 12.79
N ASP B 27 20.23 0.97 12.93
CA ASP B 27 19.26 1.94 13.44
C ASP B 27 18.02 2.05 12.56
N VAL B 28 18.18 1.75 11.27
CA VAL B 28 17.15 2.03 10.30
C VAL B 28 16.33 0.83 9.79
N ALA B 29 16.87 -0.37 9.92
CA ALA B 29 16.35 -1.51 9.22
C ALA B 29 16.70 -2.77 9.94
N LYS B 30 15.91 -3.80 9.75
CA LYS B 30 16.27 -5.09 10.28
C LYS B 30 16.84 -5.90 9.15
N LEU B 31 17.67 -6.87 9.51
CA LEU B 31 18.44 -7.63 8.55
C LEU B 31 18.49 -9.09 8.95
N GLN B 32 18.47 -9.96 7.95
CA GLN B 32 18.62 -11.38 8.16
C GLN B 32 19.44 -11.91 7.01
N CYS B 33 20.25 -12.90 7.33
CA CYS B 33 21.07 -13.56 6.36
C CYS B 33 21.68 -14.80 6.99
N LYS B 34 21.76 -15.87 6.22
CA LYS B 34 22.19 -17.17 6.74
C LYS B 34 23.63 -17.07 7.26
N ASN B 35 24.38 -16.23 6.56
CA ASN B 35 25.78 -15.94 6.86
C ASN B 35 25.83 -14.67 7.70
N LYS B 36 25.98 -14.88 9.01
CA LYS B 36 25.89 -13.82 10.03
C LYS B 36 26.96 -12.75 9.87
N ASN B 37 28.11 -13.13 9.31
CA ASN B 37 29.16 -12.17 8.98
C ASN B 37 28.62 -11.00 8.19
N ILE B 38 27.77 -11.28 7.19
CA ILE B 38 27.22 -10.24 6.34
C ILE B 38 26.45 -9.22 7.17
N THR B 39 25.56 -9.68 8.04
CA THR B 39 24.73 -8.73 8.78
C THR B 39 25.49 -8.11 9.94
N ASN B 40 26.42 -8.86 10.54
CA ASN B 40 27.27 -8.30 11.59
C ASN B 40 28.02 -7.10 11.06
N ARG B 41 28.63 -7.28 9.88
CA ARG B 41 29.29 -6.21 9.20
C ARG B 41 28.33 -5.09 8.81
N LEU B 42 27.19 -5.42 8.21
CA LEU B 42 26.36 -4.38 7.61
C LEU B 42 25.63 -3.48 8.60
N LYS B 43 25.00 -4.10 9.61
CA LYS B 43 24.21 -3.36 10.60
C LYS B 43 25.00 -2.27 11.32
N SER B 44 26.32 -2.44 11.39
CA SER B 44 27.22 -1.54 12.12
C SER B 44 27.78 -0.45 11.25
N MSE B 45 27.48 -0.51 9.97
CA MSE B 45 28.08 0.44 9.05
C MSE B 45 27.33 1.75 9.14
O MSE B 45 26.13 1.76 9.32
CB MSE B 45 28.15 -0.12 7.63
CG MSE B 45 29.34 -1.07 7.47
SE MSE B 45 29.31 -2.01 5.75
CE MSE B 45 29.78 -0.49 4.61
N LYS B 46 28.08 2.84 9.06
CA LYS B 46 27.54 4.18 9.14
C LYS B 46 26.78 4.49 7.87
N LEU B 47 25.61 5.07 8.04
CA LEU B 47 24.65 5.29 6.96
C LEU B 47 24.35 6.77 6.70
N LEU B 48 24.21 7.55 7.76
CA LEU B 48 23.86 8.94 7.64
C LEU B 48 24.42 9.70 8.83
N GLU B 49 24.61 11.00 8.63
CA GLU B 49 25.21 11.84 9.65
C GLU B 49 24.60 13.24 9.68
N ASP B 50 24.48 13.80 10.87
CA ASP B 50 23.91 15.15 11.06
C ASP B 50 24.85 16.30 10.73
N THR B 51 24.35 17.51 10.87
CA THR B 51 25.14 18.74 10.82
C THR B 51 25.13 19.40 12.22
N THR B 52 25.92 18.82 13.14
CA THR B 52 25.72 18.92 14.62
C THR B 52 24.63 19.73 15.33
N LYS B 53 24.83 21.03 15.46
CA LYS B 53 23.84 21.95 16.06
C LYS B 53 22.36 21.76 15.71
N GLY B 54 22.05 21.62 14.42
CA GLY B 54 20.66 21.52 13.97
C GLY B 54 20.04 20.13 14.02
N LYS B 55 19.02 19.98 14.87
CA LYS B 55 18.17 18.78 14.87
C LYS B 55 17.26 18.79 13.63
N LYS B 56 17.46 17.83 12.72
CA LYS B 56 16.89 17.88 11.37
C LYS B 56 16.23 16.58 10.88
N ARG B 57 15.59 16.64 9.71
CA ARG B 57 14.96 15.48 9.09
C ARG B 57 15.59 15.19 7.74
N TYR B 58 15.95 13.93 7.53
CA TYR B 58 16.58 13.44 6.32
C TYR B 58 15.78 12.27 5.80
N ILE B 59 15.95 11.99 4.51
CA ILE B 59 15.28 10.88 3.89
C ILE B 59 16.31 10.02 3.23
N VAL B 60 16.25 8.73 3.61
CA VAL B 60 17.17 7.73 3.16
C VAL B 60 16.42 6.70 2.32
N SER B 61 16.96 6.40 1.15
CA SER B 61 16.40 5.44 0.26
C SER B 61 16.99 4.05 0.56
N ILE B 62 16.18 3.01 0.42
CA ILE B 62 16.69 1.64 0.45
C ILE B 62 17.83 1.43 -0.52
N MSE B 63 17.84 2.21 -1.61
CA MSE B 63 18.90 2.16 -2.61
C MSE B 63 20.25 2.51 -2.06
O MSE B 63 21.24 2.02 -2.56
CB MSE B 63 18.58 3.07 -3.80
CG MSE B 63 17.28 2.66 -4.42
SE MSE B 63 17.33 0.93 -5.39
CE MSE B 63 17.83 1.66 -7.14
N LYS B 64 20.31 3.37 -1.05
CA LYS B 64 21.58 3.70 -0.41
C LYS B 64 22.12 2.48 0.37
N ILE B 65 21.25 1.71 0.99
CA ILE B 65 21.74 0.51 1.64
C ILE B 65 22.18 -0.55 0.62
N ILE B 66 21.44 -0.68 -0.48
CA ILE B 66 21.73 -1.70 -1.50
C ILE B 66 23.09 -1.42 -2.10
N GLU B 67 23.28 -0.18 -2.51
CA GLU B 67 24.56 0.28 -3.07
C GLU B 67 25.74 0.11 -2.08
N MSE B 68 25.49 0.25 -0.80
CA MSE B 68 26.48 -0.04 0.22
C MSE B 68 26.82 -1.52 0.24
O MSE B 68 27.98 -1.88 0.25
CB MSE B 68 26.00 0.41 1.60
CG MSE B 68 26.96 0.04 2.73
SE MSE B 68 26.55 0.94 4.40
CE MSE B 68 25.69 2.56 3.64
N ALA B 69 25.79 -2.37 0.26
CA ALA B 69 26.00 -3.81 0.31
C ALA B 69 26.79 -4.29 -0.91
N ASP B 70 26.37 -3.78 -2.07
CA ASP B 70 26.98 -4.07 -3.37
C ASP B 70 28.44 -3.70 -3.36
N GLN B 71 28.75 -2.54 -2.82
CA GLN B 71 30.13 -2.06 -2.84
C GLN B 71 31.02 -2.85 -1.89
N THR B 72 30.46 -3.41 -0.83
CA THR B 72 31.33 -4.06 0.15
C THR B 72 31.48 -5.60 0.00
N PHE B 73 30.44 -6.32 -0.36
CA PHE B 73 30.56 -7.80 -0.39
C PHE B 73 30.58 -8.33 -1.81
N GLN B 74 31.15 -9.51 -1.98
CA GLN B 74 30.92 -10.25 -3.22
C GLN B 74 29.78 -11.26 -3.08
N ASN B 75 28.95 -11.30 -4.12
CA ASN B 75 27.84 -12.24 -4.25
C ASN B 75 26.84 -12.24 -3.09
N VAL B 76 26.25 -11.07 -2.86
CA VAL B 76 25.13 -10.94 -1.96
C VAL B 76 23.94 -10.40 -2.75
N ASP B 77 22.86 -11.17 -2.78
CA ASP B 77 21.64 -10.67 -3.39
C ASP B 77 20.79 -10.10 -2.27
N ILE B 78 20.30 -8.88 -2.49
CA ILE B 78 19.35 -8.25 -1.56
C ILE B 78 17.90 -8.52 -1.95
N GLN B 79 17.13 -8.85 -0.94
CA GLN B 79 15.70 -9.08 -1.02
C GLN B 79 15.12 -8.01 -0.06
N ASN B 80 14.42 -7.03 -0.63
CA ASN B 80 13.82 -5.95 0.15
C ASN B 80 12.42 -6.24 0.70
N ILE B 81 12.30 -6.22 2.01
CA ILE B 81 11.16 -6.81 2.67
C ILE B 81 10.27 -5.71 3.20
N GLY B 82 10.92 -4.63 3.64
CA GLY B 82 10.26 -3.49 4.29
C GLY B 82 10.03 -2.37 3.32
N GLU B 83 10.09 -1.14 3.82
CA GLU B 83 9.85 0.08 3.05
C GLU B 83 11.04 0.41 2.20
N THR B 84 10.87 1.41 1.35
CA THR B 84 11.86 1.81 0.42
C THR B 84 12.31 3.20 0.73
N GLU B 85 11.60 3.90 1.60
CA GLU B 85 12.09 5.20 2.04
C GLU B 85 11.98 5.30 3.55
N CYS B 86 12.94 5.95 4.19
CA CYS B 86 12.95 6.08 5.65
C CYS B 86 13.22 7.52 6.03
N VAL B 87 12.26 8.13 6.73
CA VAL B 87 12.47 9.45 7.29
C VAL B 87 13.19 9.33 8.64
N VAL B 88 14.34 9.99 8.67
CA VAL B 88 15.18 10.06 9.82
C VAL B 88 15.01 11.47 10.40
N GLU B 89 14.62 11.51 11.67
CA GLU B 89 14.43 12.74 12.43
C GLU B 89 15.41 12.79 13.59
N PHE B 90 16.31 13.77 13.56
CA PHE B 90 17.31 13.91 14.61
C PHE B 90 16.79 14.73 15.78
N LYS B 91 17.21 14.34 16.98
CA LYS B 91 16.93 15.12 18.19
C LYS B 91 18.10 15.06 19.17
N THR B 92 17.82 15.33 20.45
CA THR B 92 18.86 15.51 21.47
C THR B 92 18.86 14.41 22.56
N PRO B 93 20.04 13.74 22.78
CA PRO B 93 20.26 12.56 23.64
C PRO B 93 19.27 12.34 24.78
N ALA C 3 29.75 -18.95 -13.17
CA ALA C 3 28.92 -17.96 -13.90
C ALA C 3 27.69 -17.58 -13.07
N MSE C 4 27.77 -16.42 -12.42
CA MSE C 4 26.65 -15.87 -11.67
C MSE C 4 26.15 -14.58 -12.36
O MSE C 4 26.90 -13.89 -13.04
CB MSE C 4 27.04 -15.61 -10.20
CG MSE C 4 25.84 -15.36 -9.24
SE MSE C 4 24.83 -16.99 -8.69
CE MSE C 4 23.00 -16.30 -8.91
N SER C 5 24.87 -14.29 -12.17
CA SER C 5 24.20 -13.23 -12.91
C SER C 5 24.33 -11.89 -12.23
N ASP C 6 23.88 -10.85 -12.92
CA ASP C 6 23.88 -9.48 -12.41
C ASP C 6 22.48 -9.09 -11.93
N THR C 7 22.41 -8.53 -10.71
CA THR C 7 21.14 -8.11 -10.16
C THR C 7 21.00 -6.61 -10.32
N LEU C 8 19.97 -6.22 -11.07
CA LEU C 8 19.61 -4.84 -11.30
C LEU C 8 18.37 -4.52 -10.45
N TYR C 9 18.45 -3.43 -9.69
CA TYR C 9 17.39 -3.04 -8.79
C TYR C 9 16.85 -1.81 -9.41
N ILE C 10 15.56 -1.83 -9.70
CA ILE C 10 14.89 -0.67 -10.27
C ILE C 10 13.99 -0.05 -9.22
N LYS C 11 14.10 1.28 -9.04
CA LYS C 11 13.13 2.04 -8.22
C LYS C 11 12.49 3.19 -9.01
N MSE C 12 11.33 2.90 -9.56
CA MSE C 12 10.61 3.81 -10.46
C MSE C 12 9.76 4.80 -9.67
O MSE C 12 9.16 4.43 -8.65
CB MSE C 12 9.70 2.99 -11.36
CG MSE C 12 9.09 3.76 -12.53
SE MSE C 12 8.13 2.61 -13.79
CE MSE C 12 7.80 3.88 -15.19
N ASP C 13 9.69 6.05 -10.14
CA ASP C 13 8.83 7.09 -9.52
C ASP C 13 7.35 6.83 -9.72
N GLN C 14 6.50 7.38 -8.85
CA GLN C 14 5.04 7.27 -8.96
C GLN C 14 4.54 8.20 -10.08
N ALA C 15 5.03 9.42 -10.06
CA ALA C 15 4.63 10.38 -11.09
C ALA C 15 5.84 11.19 -11.46
N VAL C 16 5.89 11.65 -12.70
CA VAL C 16 6.93 12.58 -13.07
C VAL C 16 6.34 13.59 -14.06
N GLU C 17 6.89 14.79 -14.06
CA GLU C 17 6.56 15.78 -15.09
C GLU C 17 7.83 16.12 -15.88
N ILE C 18 7.68 16.26 -17.20
CA ILE C 18 8.85 16.42 -18.07
C ILE C 18 8.67 17.62 -18.99
N THR C 19 9.77 18.21 -19.40
CA THR C 19 9.70 19.36 -20.28
C THR C 19 10.53 19.20 -21.54
N LYS C 20 10.90 17.97 -21.87
CA LYS C 20 11.83 17.74 -22.97
C LYS C 20 11.48 16.63 -23.96
N LYS C 21 12.08 16.76 -25.15
CA LYS C 21 11.89 15.90 -26.32
C LYS C 21 11.46 14.45 -26.02
N GLN C 22 12.24 13.74 -25.22
CA GLN C 22 11.96 12.35 -24.93
C GLN C 22 12.13 11.99 -23.46
N VAL C 23 11.49 10.89 -23.06
CA VAL C 23 11.51 10.40 -21.70
C VAL C 23 12.38 9.17 -21.70
N THR C 24 13.31 9.13 -20.76
CA THR C 24 14.36 8.16 -20.73
C THR C 24 14.14 7.35 -19.46
N VAL C 25 14.70 6.15 -19.40
CA VAL C 25 14.47 5.32 -18.22
C VAL C 25 15.02 6.04 -17.00
N GLY C 26 16.22 6.61 -17.14
CA GLY C 26 16.82 7.45 -16.10
C GLY C 26 15.89 8.54 -15.58
N ASP C 27 14.98 9.01 -16.43
CA ASP C 27 14.06 10.10 -16.08
C ASP C 27 12.84 9.58 -15.35
N VAL C 28 12.82 8.29 -15.06
CA VAL C 28 11.60 7.70 -14.56
C VAL C 28 11.91 6.72 -13.42
N ALA C 29 13.20 6.41 -13.26
CA ALA C 29 13.62 5.39 -12.30
C ALA C 29 15.02 5.64 -11.80
N LYS C 30 15.26 5.21 -10.57
CA LYS C 30 16.57 5.13 -9.96
C LYS C 30 17.07 3.68 -10.18
N LEU C 31 18.31 3.51 -10.60
CA LEU C 31 18.82 2.16 -10.93
C LEU C 31 20.07 1.83 -10.15
N GLN C 32 20.22 0.57 -9.75
CA GLN C 32 21.45 0.15 -9.09
C GLN C 32 21.87 -1.24 -9.55
N CYS C 33 23.16 -1.38 -9.80
CA CYS C 33 23.75 -2.61 -10.24
C CYS C 33 25.25 -2.63 -9.95
N LYS C 34 25.76 -3.75 -9.46
CA LYS C 34 27.22 -3.91 -9.26
C LYS C 34 28.04 -3.77 -10.59
N ASN C 35 27.52 -4.33 -11.68
CA ASN C 35 28.05 -4.05 -13.01
C ASN C 35 27.55 -2.68 -13.52
N LYS C 36 28.39 -1.66 -13.41
CA LYS C 36 28.02 -0.30 -13.86
C LYS C 36 27.63 -0.12 -15.35
N ASN C 37 27.98 -1.07 -16.21
CA ASN C 37 27.66 -0.99 -17.65
C ASN C 37 26.18 -1.03 -17.98
N ILE C 38 25.49 -1.97 -17.33
CA ILE C 38 24.08 -2.27 -17.58
C ILE C 38 23.19 -1.06 -17.31
N THR C 39 23.39 -0.43 -16.15
CA THR C 39 22.58 0.73 -15.76
C THR C 39 22.81 1.89 -16.71
N ASN C 40 24.08 2.14 -17.01
CA ASN C 40 24.49 3.18 -17.93
C ASN C 40 23.86 3.00 -19.31
N ARG C 41 23.82 1.76 -19.80
CA ARG C 41 23.12 1.49 -21.06
C ARG C 41 21.61 1.67 -20.89
N LEU C 42 21.05 1.18 -19.78
CA LEU C 42 19.60 1.18 -19.63
C LEU C 42 19.01 2.55 -19.33
N LYS C 43 19.61 3.24 -18.39
CA LYS C 43 19.11 4.53 -17.94
C LYS C 43 19.00 5.61 -19.03
N SER C 44 19.65 5.41 -20.16
CA SER C 44 19.57 6.40 -21.22
C SER C 44 18.70 5.96 -22.40
N MSE C 45 18.13 4.77 -22.30
CA MSE C 45 17.32 4.25 -23.40
C MSE C 45 15.96 4.95 -23.57
O MSE C 45 15.34 5.37 -22.58
CB MSE C 45 17.12 2.76 -23.20
CG MSE C 45 18.41 2.00 -23.14
SE MSE C 45 18.09 0.09 -23.25
CE MSE C 45 17.58 0.02 -25.14
N LYS C 46 15.52 5.05 -24.82
CA LYS C 46 14.24 5.68 -25.14
C LYS C 46 13.07 4.89 -24.57
N LEU C 47 12.03 5.62 -24.15
CA LEU C 47 10.92 5.01 -23.42
C LEU C 47 9.54 5.43 -23.93
N LEU C 48 9.34 6.73 -24.11
CA LEU C 48 8.01 7.24 -24.39
C LEU C 48 8.07 8.67 -24.90
N GLU C 49 6.96 9.10 -25.50
CA GLU C 49 6.77 10.43 -26.11
C GLU C 49 5.31 10.58 -26.57
N ASP C 50 4.76 11.79 -26.54
CA ASP C 50 3.34 11.99 -26.83
C ASP C 50 3.03 12.42 -28.25
N THR C 51 2.35 11.55 -28.99
CA THR C 51 1.92 11.86 -30.35
C THR C 51 0.41 12.17 -30.44
N THR C 52 -0.26 12.11 -29.27
CA THR C 52 -1.72 12.25 -29.18
C THR C 52 -2.11 13.41 -28.27
N LYS C 56 -1.76 14.47 -23.74
CA LYS C 56 -2.44 14.20 -22.48
C LYS C 56 -1.45 13.71 -21.41
N ARG C 57 -1.96 13.08 -20.36
CA ARG C 57 -1.07 12.45 -19.41
C ARG C 57 -1.03 10.96 -19.57
N TYR C 58 0.20 10.46 -19.55
CA TYR C 58 0.50 9.09 -19.93
C TYR C 58 0.94 8.17 -18.79
N ILE C 59 1.25 6.94 -19.15
CA ILE C 59 1.56 5.96 -18.15
C ILE C 59 2.59 5.00 -18.67
N VAL C 60 3.57 4.68 -17.83
CA VAL C 60 4.58 3.66 -18.13
C VAL C 60 4.56 2.56 -17.09
N SER C 61 4.69 1.32 -17.55
CA SER C 61 4.69 0.14 -16.71
C SER C 61 6.13 -0.26 -16.46
N ILE C 62 6.40 -0.75 -15.25
CA ILE C 62 7.69 -1.37 -14.92
C ILE C 62 7.94 -2.53 -15.88
N MSE C 63 6.84 -3.12 -16.35
CA MSE C 63 6.89 -4.34 -17.18
C MSE C 63 7.63 -4.08 -18.48
O MSE C 63 8.36 -4.95 -18.98
CB MSE C 63 5.49 -4.92 -17.43
CG MSE C 63 4.93 -5.59 -16.19
SE MSE C 63 6.04 -7.07 -15.46
CE MSE C 63 5.05 -8.56 -16.25
N LYS C 64 7.43 -2.88 -19.00
CA LYS C 64 8.05 -2.45 -20.24
C LYS C 64 9.54 -2.31 -20.01
N ILE C 65 9.91 -1.74 -18.86
CA ILE C 65 11.32 -1.57 -18.52
C ILE C 65 11.98 -2.94 -18.30
N ILE C 66 11.30 -3.82 -17.59
CA ILE C 66 11.82 -5.18 -17.47
C ILE C 66 11.94 -5.82 -18.87
N GLU C 67 10.96 -5.59 -19.72
CA GLU C 67 11.03 -6.21 -21.05
C GLU C 67 12.23 -5.68 -21.82
N MSE C 68 12.43 -4.36 -21.76
CA MSE C 68 13.55 -3.71 -22.43
C MSE C 68 14.86 -4.30 -21.95
O MSE C 68 15.72 -4.64 -22.76
CB MSE C 68 13.57 -2.22 -22.14
CG MSE C 68 12.39 -1.45 -22.58
SE MSE C 68 12.99 0.38 -22.78
CE MSE C 68 13.26 0.43 -24.72
N ALA C 69 14.98 -4.40 -20.63
CA ALA C 69 16.16 -4.95 -19.98
C ALA C 69 16.43 -6.41 -20.38
N ASP C 70 15.36 -7.18 -20.52
CA ASP C 70 15.47 -8.57 -20.97
C ASP C 70 15.81 -8.70 -22.46
N GLN C 71 15.44 -7.71 -23.26
CA GLN C 71 15.69 -7.77 -24.69
C GLN C 71 17.03 -7.14 -25.06
N THR C 72 17.70 -6.52 -24.09
CA THR C 72 19.06 -6.04 -24.35
C THR C 72 20.17 -6.83 -23.65
N PHE C 73 20.21 -6.80 -22.32
CA PHE C 73 21.29 -7.47 -21.64
C PHE C 73 20.97 -8.94 -21.54
N GLN C 74 21.98 -9.77 -21.31
CA GLN C 74 21.67 -11.08 -20.78
C GLN C 74 22.31 -11.35 -19.43
N ASN C 75 21.88 -12.45 -18.83
CA ASN C 75 22.17 -12.78 -17.45
C ASN C 75 22.02 -11.62 -16.47
N VAL C 76 20.90 -10.91 -16.59
CA VAL C 76 20.57 -9.86 -15.67
C VAL C 76 19.26 -10.24 -15.01
N ASP C 77 19.29 -10.41 -13.70
CA ASP C 77 18.09 -10.65 -12.91
C ASP C 77 17.59 -9.32 -12.43
N ILE C 78 16.34 -8.99 -12.68
CA ILE C 78 15.81 -7.70 -12.23
C ILE C 78 15.03 -7.79 -10.92
N GLN C 79 15.25 -6.81 -10.06
CA GLN C 79 14.59 -6.69 -8.77
C GLN C 79 13.88 -5.32 -8.69
N ASN C 80 12.55 -5.35 -8.65
CA ASN C 80 11.78 -4.13 -8.60
C ASN C 80 11.53 -3.62 -7.22
N ILE C 81 11.96 -2.39 -6.94
CA ILE C 81 11.87 -1.81 -5.60
C ILE C 81 10.81 -0.76 -5.41
N GLY C 82 10.55 0.03 -6.46
CA GLY C 82 9.60 1.14 -6.35
C GLY C 82 8.25 0.75 -6.95
N GLU C 83 7.63 1.75 -7.57
CA GLU C 83 6.33 1.64 -8.20
C GLU C 83 6.34 0.71 -9.40
N THR C 84 5.16 0.27 -9.81
CA THR C 84 4.98 -0.61 -10.97
C THR C 84 4.26 0.12 -12.11
N GLU C 85 3.83 1.36 -11.85
CA GLU C 85 3.13 2.20 -12.82
C GLU C 85 3.54 3.64 -12.55
N CYS C 86 3.85 4.37 -13.63
CA CYS C 86 4.27 5.74 -13.49
C CYS C 86 3.54 6.61 -14.47
N VAL C 87 3.25 7.82 -14.02
CA VAL C 87 2.45 8.74 -14.78
C VAL C 87 3.40 9.81 -15.26
N VAL C 88 3.64 9.81 -16.56
CA VAL C 88 4.48 10.83 -17.16
C VAL C 88 3.57 11.95 -17.65
N GLU C 89 3.74 13.16 -17.11
CA GLU C 89 3.02 14.36 -17.58
C GLU C 89 3.98 15.38 -18.21
N PHE C 90 3.70 15.69 -19.46
CA PHE C 90 4.56 16.59 -20.24
C PHE C 90 4.28 18.07 -20.01
N LYS C 91 5.28 18.89 -20.32
CA LYS C 91 5.12 20.33 -20.58
C LYS C 91 6.29 20.70 -21.49
N THR C 92 6.22 21.85 -22.14
CA THR C 92 7.33 22.30 -22.99
C THR C 92 7.44 23.83 -22.83
N PRO C 93 8.54 24.46 -23.31
CA PRO C 93 9.76 23.93 -23.94
C PRO C 93 10.73 23.30 -22.94
N ASN D 2 23.56 -17.05 -12.59
CA ASN D 2 22.73 -18.24 -12.91
C ASN D 2 22.19 -18.23 -14.34
N ALA D 3 23.06 -18.48 -15.32
CA ALA D 3 22.69 -18.62 -16.75
C ALA D 3 21.59 -19.68 -16.98
N MSE D 4 21.49 -20.57 -16.00
CA MSE D 4 20.77 -21.84 -16.12
C MSE D 4 19.29 -21.77 -15.80
O MSE D 4 18.66 -22.77 -15.49
CB MSE D 4 21.47 -22.80 -15.17
CG MSE D 4 22.97 -22.82 -15.43
SE MSE D 4 24.12 -23.15 -13.91
CE MSE D 4 25.85 -22.80 -14.79
N SER D 5 18.72 -20.57 -15.87
CA SER D 5 17.41 -20.36 -15.28
C SER D 5 16.73 -19.12 -15.83
N ASP D 6 15.52 -19.32 -16.34
CA ASP D 6 14.63 -18.28 -16.84
C ASP D 6 13.88 -17.54 -15.73
N THR D 7 13.84 -16.21 -15.77
CA THR D 7 13.06 -15.44 -14.80
C THR D 7 11.72 -15.05 -15.39
N LEU D 8 10.65 -15.36 -14.68
CA LEU D 8 9.29 -15.11 -15.08
C LEU D 8 8.71 -14.04 -14.17
N TYR D 9 8.31 -12.92 -14.77
CA TYR D 9 7.74 -11.85 -13.99
C TYR D 9 6.23 -11.80 -14.15
N ILE D 10 5.56 -11.69 -13.03
CA ILE D 10 4.10 -11.74 -13.00
C ILE D 10 3.60 -10.48 -12.35
N LYS D 11 2.72 -9.79 -13.06
CA LYS D 11 2.01 -8.64 -12.55
C LYS D 11 0.49 -8.85 -12.65
N MSE D 12 -0.06 -9.28 -11.53
CA MSE D 12 -1.46 -9.58 -11.47
C MSE D 12 -2.22 -8.30 -11.25
O MSE D 12 -1.77 -7.41 -10.50
CB MSE D 12 -1.77 -10.55 -10.34
CG MSE D 12 -3.17 -11.09 -10.42
SE MSE D 12 -3.29 -12.76 -9.42
CE MSE D 12 -2.86 -12.11 -7.69
N ASP D 13 -3.35 -8.20 -11.95
CA ASP D 13 -4.35 -7.17 -11.76
C ASP D 13 -5.00 -7.22 -10.39
N GLN D 14 -5.42 -6.08 -9.90
CA GLN D 14 -6.25 -5.99 -8.70
C GLN D 14 -7.63 -6.61 -8.92
N ALA D 15 -8.25 -6.29 -10.07
CA ALA D 15 -9.61 -6.70 -10.38
C ALA D 15 -9.86 -6.75 -11.88
N VAL D 16 -10.70 -7.70 -12.30
CA VAL D 16 -11.11 -7.85 -13.71
C VAL D 16 -12.55 -8.31 -13.93
N GLU D 17 -13.24 -7.64 -14.86
CA GLU D 17 -14.54 -8.06 -15.36
C GLU D 17 -14.34 -8.89 -16.62
N ILE D 18 -14.91 -10.09 -16.67
CA ILE D 18 -14.80 -10.90 -17.90
C ILE D 18 -16.12 -11.51 -18.33
N THR D 19 -16.33 -11.54 -19.63
CA THR D 19 -17.52 -12.12 -20.23
C THR D 19 -17.12 -13.47 -20.81
N LYS D 20 -16.95 -14.46 -19.96
CA LYS D 20 -16.56 -15.77 -20.43
C LYS D 20 -16.73 -16.83 -19.36
N LYS D 21 -17.01 -18.05 -19.77
CA LYS D 21 -17.25 -19.16 -18.85
C LYS D 21 -16.04 -19.39 -17.95
N GLN D 22 -14.87 -19.48 -18.57
CA GLN D 22 -13.66 -19.82 -17.87
C GLN D 22 -12.66 -18.66 -17.92
N VAL D 23 -11.70 -18.69 -17.00
CA VAL D 23 -10.77 -17.60 -16.84
C VAL D 23 -9.36 -18.15 -16.90
N THR D 24 -8.50 -17.52 -17.70
CA THR D 24 -7.10 -17.92 -17.82
C THR D 24 -6.17 -16.92 -17.16
N VAL D 25 -4.94 -17.38 -16.93
CA VAL D 25 -3.93 -16.56 -16.31
C VAL D 25 -3.80 -15.20 -17.04
N GLY D 26 -3.83 -15.26 -18.38
CA GLY D 26 -3.68 -14.07 -19.23
C GLY D 26 -4.73 -13.02 -18.96
N ASP D 27 -5.99 -13.47 -18.77
CA ASP D 27 -7.09 -12.62 -18.31
C ASP D 27 -6.70 -11.78 -17.08
N VAL D 28 -5.93 -12.39 -16.20
CA VAL D 28 -5.80 -11.88 -14.86
C VAL D 28 -4.46 -11.17 -14.55
N ALA D 29 -3.48 -11.33 -15.44
CA ALA D 29 -2.11 -10.93 -15.12
C ALA D 29 -1.34 -10.67 -16.39
N LYS D 30 -0.45 -9.68 -16.33
CA LYS D 30 0.58 -9.49 -17.35
C LYS D 30 1.78 -10.39 -17.01
N LEU D 31 2.43 -10.89 -18.04
CA LEU D 31 3.59 -11.78 -17.89
C LEU D 31 4.77 -11.25 -18.68
N GLN D 32 5.98 -11.57 -18.24
CA GLN D 32 7.19 -11.26 -18.97
C GLN D 32 8.22 -12.34 -18.66
N CYS D 33 8.85 -12.79 -19.75
CA CYS D 33 9.92 -13.80 -19.72
C CYS D 33 10.70 -13.79 -21.02
N LYS D 34 12.01 -13.92 -20.93
CA LYS D 34 12.84 -14.09 -22.10
C LYS D 34 12.38 -15.34 -22.83
N ASN D 35 12.14 -16.44 -22.09
CA ASN D 35 11.68 -17.65 -22.75
C ASN D 35 10.19 -17.53 -23.08
N LYS D 36 9.89 -17.11 -24.30
CA LYS D 36 8.51 -16.86 -24.73
C LYS D 36 7.59 -18.08 -24.62
N ASN D 37 8.19 -19.26 -24.62
CA ASN D 37 7.38 -20.47 -24.56
C ASN D 37 6.65 -20.61 -23.27
N ILE D 38 7.29 -20.18 -22.18
CA ILE D 38 6.75 -20.33 -20.86
C ILE D 38 5.58 -19.39 -20.64
N THR D 39 5.73 -18.12 -21.02
CA THR D 39 4.63 -17.17 -20.93
C THR D 39 3.55 -17.47 -21.97
N ASN D 40 3.92 -17.91 -23.16
CA ASN D 40 2.90 -18.46 -24.07
C ASN D 40 2.05 -19.59 -23.47
N ARG D 41 2.66 -20.53 -22.73
CA ARG D 41 1.91 -21.66 -22.16
C ARG D 41 1.11 -21.30 -20.90
N LEU D 42 1.75 -20.61 -19.97
CA LEU D 42 1.08 -20.20 -18.73
C LEU D 42 -0.10 -19.27 -18.96
N LYS D 43 0.07 -18.33 -19.88
CA LYS D 43 -0.89 -17.25 -20.16
C LYS D 43 -2.27 -17.83 -20.47
N SER D 44 -2.27 -19.02 -21.05
CA SER D 44 -3.48 -19.64 -21.50
C SER D 44 -4.11 -20.66 -20.55
N MSE D 45 -3.36 -21.13 -19.57
CA MSE D 45 -3.87 -22.14 -18.63
C MSE D 45 -5.13 -21.73 -17.86
O MSE D 45 -5.31 -20.55 -17.52
CB MSE D 45 -2.77 -22.54 -17.66
CG MSE D 45 -1.62 -23.22 -18.35
SE MSE D 45 -0.13 -23.57 -17.17
CE MSE D 45 -0.75 -25.21 -16.26
N LYS D 46 -5.99 -22.72 -17.62
CA LYS D 46 -7.26 -22.51 -16.91
C LYS D 46 -7.00 -22.12 -15.47
N LEU D 47 -7.84 -21.23 -14.96
CA LEU D 47 -7.73 -20.78 -13.58
C LEU D 47 -8.98 -21.01 -12.76
N LEU D 48 -10.14 -20.98 -13.41
CA LEU D 48 -11.37 -20.65 -12.72
C LEU D 48 -12.52 -20.71 -13.69
N GLU D 49 -13.68 -21.15 -13.22
CA GLU D 49 -14.88 -21.13 -14.07
C GLU D 49 -16.10 -20.56 -13.33
N ASP D 50 -17.11 -20.14 -14.09
CA ASP D 50 -18.37 -19.69 -13.48
C ASP D 50 -19.16 -20.92 -13.07
N THR D 51 -18.59 -21.70 -12.15
CA THR D 51 -19.18 -22.96 -11.72
C THR D 51 -20.56 -22.67 -11.15
N THR D 52 -20.57 -21.86 -10.10
CA THR D 52 -21.81 -21.46 -9.46
C THR D 52 -22.45 -20.30 -10.20
N LYS D 53 -23.60 -20.56 -10.82
CA LYS D 53 -24.43 -19.52 -11.42
C LYS D 53 -25.15 -18.63 -10.37
N GLY D 54 -25.25 -19.13 -9.13
CA GLY D 54 -25.69 -18.30 -7.99
C GLY D 54 -24.58 -17.49 -7.34
N LYS D 55 -23.53 -17.16 -8.12
CA LYS D 55 -22.34 -16.44 -7.63
C LYS D 55 -21.47 -15.81 -8.74
N LYS D 56 -21.20 -14.50 -8.60
CA LYS D 56 -20.60 -13.68 -9.63
C LYS D 56 -19.11 -13.33 -9.42
N ARG D 57 -18.70 -13.25 -8.15
CA ARG D 57 -17.37 -12.76 -7.80
C ARG D 57 -16.52 -13.84 -7.17
N TYR D 58 -15.36 -14.08 -7.76
CA TYR D 58 -14.40 -15.04 -7.26
C TYR D 58 -13.09 -14.31 -7.06
N ILE D 59 -12.15 -15.00 -6.44
CA ILE D 59 -10.85 -14.43 -6.13
C ILE D 59 -9.72 -15.43 -6.40
N VAL D 60 -8.60 -14.90 -6.92
CA VAL D 60 -7.46 -15.70 -7.26
C VAL D 60 -6.25 -15.12 -6.55
N SER D 61 -5.55 -15.98 -5.82
CA SER D 61 -4.30 -15.61 -5.16
C SER D 61 -3.15 -15.67 -6.13
N ILE D 62 -2.10 -14.90 -5.88
CA ILE D 62 -0.92 -15.05 -6.70
C ILE D 62 -0.25 -16.40 -6.49
N MSE D 63 -0.44 -16.96 -5.29
CA MSE D 63 0.11 -18.29 -4.96
C MSE D 63 -0.43 -19.39 -5.86
O MSE D 63 0.23 -20.42 -6.01
CB MSE D 63 -0.18 -18.67 -3.50
CG MSE D 63 0.46 -17.78 -2.46
SE MSE D 63 2.43 -17.66 -2.60
CE MSE D 63 2.81 -19.20 -1.46
N LYS D 64 -1.62 -19.22 -6.44
CA LYS D 64 -2.16 -20.29 -7.30
C LYS D 64 -1.39 -20.27 -8.59
N ILE D 65 -1.24 -19.06 -9.17
CA ILE D 65 -0.41 -18.94 -10.36
C ILE D 65 1.05 -19.36 -10.11
N ILE D 66 1.67 -18.84 -9.06
CA ILE D 66 2.99 -19.33 -8.67
C ILE D 66 3.05 -20.86 -8.60
N GLU D 67 2.07 -21.49 -7.97
CA GLU D 67 2.11 -22.96 -7.85
C GLU D 67 1.95 -23.67 -9.21
N MSE D 68 1.07 -23.13 -10.06
CA MSE D 68 0.86 -23.64 -11.42
C MSE D 68 2.14 -23.56 -12.26
O MSE D 68 2.51 -24.51 -12.92
CB MSE D 68 -0.23 -22.88 -12.15
CG MSE D 68 -1.65 -23.13 -11.70
SE MSE D 68 -2.83 -22.13 -12.90
CE MSE D 68 -3.18 -23.64 -14.09
N ALA D 69 2.81 -22.40 -12.24
CA ALA D 69 4.09 -22.28 -12.95
C ALA D 69 5.11 -23.26 -12.41
N ASP D 70 5.29 -23.24 -11.09
CA ASP D 70 6.26 -24.13 -10.44
C ASP D 70 6.01 -25.58 -10.75
N GLN D 71 4.77 -25.97 -10.99
CA GLN D 71 4.48 -27.37 -11.23
C GLN D 71 4.74 -27.74 -12.68
N THR D 72 4.55 -26.79 -13.60
CA THR D 72 4.61 -27.15 -15.02
C THR D 72 5.98 -26.84 -15.72
N PHE D 73 6.79 -25.96 -15.13
CA PHE D 73 8.03 -25.55 -15.77
C PHE D 73 9.22 -25.91 -14.94
N GLN D 74 10.31 -26.22 -15.59
CA GLN D 74 11.53 -26.41 -14.84
C GLN D 74 12.45 -25.22 -15.07
N ASN D 75 13.40 -25.03 -14.17
CA ASN D 75 14.44 -24.03 -14.36
C ASN D 75 13.88 -22.64 -14.58
N VAL D 76 12.87 -22.33 -13.79
CA VAL D 76 12.21 -21.03 -13.79
C VAL D 76 12.14 -20.43 -12.37
N ASP D 77 12.67 -19.23 -12.19
CA ASP D 77 12.41 -18.43 -11.02
C ASP D 77 11.17 -17.56 -11.27
N ILE D 78 10.36 -17.34 -10.24
CA ILE D 78 9.26 -16.42 -10.36
C ILE D 78 9.43 -15.21 -9.49
N GLN D 79 9.19 -14.07 -10.10
CA GLN D 79 9.33 -12.78 -9.45
C GLN D 79 7.95 -12.14 -9.55
N ASN D 80 7.27 -12.01 -8.42
CA ASN D 80 6.02 -11.30 -8.36
C ASN D 80 6.24 -9.81 -8.40
N ILE D 81 5.42 -9.12 -9.18
CA ILE D 81 5.61 -7.72 -9.38
C ILE D 81 4.34 -6.96 -8.99
N GLY D 82 3.18 -7.56 -9.27
CA GLY D 82 1.92 -6.86 -9.04
C GLY D 82 1.25 -7.23 -7.75
N GLU D 83 -0.06 -7.33 -7.79
CA GLU D 83 -0.86 -7.69 -6.64
C GLU D 83 -0.70 -9.15 -6.25
N THR D 84 -1.27 -9.48 -5.09
CA THR D 84 -1.22 -10.81 -4.58
C THR D 84 -2.57 -11.51 -4.62
N GLU D 85 -3.62 -10.71 -4.80
CA GLU D 85 -5.04 -11.15 -4.96
C GLU D 85 -5.73 -10.43 -6.13
N CYS D 86 -6.50 -11.19 -6.92
CA CYS D 86 -7.32 -10.62 -7.97
C CYS D 86 -8.78 -10.99 -7.77
N VAL D 87 -9.61 -9.96 -7.73
CA VAL D 87 -11.07 -10.11 -7.77
C VAL D 87 -11.50 -10.33 -9.20
N VAL D 88 -12.15 -11.45 -9.46
CA VAL D 88 -12.75 -11.64 -10.76
C VAL D 88 -14.25 -11.65 -10.62
N GLU D 89 -14.93 -10.82 -11.40
CA GLU D 89 -16.39 -10.98 -11.58
C GLU D 89 -16.83 -11.19 -13.01
N PHE D 90 -17.75 -12.14 -13.16
CA PHE D 90 -18.30 -12.52 -14.44
C PHE D 90 -19.54 -11.67 -14.69
N LYS D 91 -19.94 -11.57 -15.95
CA LYS D 91 -21.23 -11.00 -16.39
C LYS D 91 -21.27 -10.91 -17.93
N THR D 92 -22.39 -10.46 -18.50
CA THR D 92 -22.55 -10.38 -19.96
C THR D 92 -23.55 -9.31 -20.49
N PRO D 93 -23.06 -8.13 -20.90
CA PRO D 93 -23.88 -7.16 -21.66
C PRO D 93 -24.35 -7.72 -23.00
N ASN E 2 -22.86 18.42 11.09
CA ASN E 2 -21.54 18.38 11.81
C ASN E 2 -20.54 19.49 11.41
N ALA E 3 -21.02 20.50 10.68
CA ALA E 3 -20.18 21.63 10.21
C ALA E 3 -19.55 22.45 11.36
N MSE E 4 -20.29 22.60 12.45
CA MSE E 4 -19.85 23.35 13.64
C MSE E 4 -18.86 22.58 14.50
O MSE E 4 -18.52 23.01 15.60
CB MSE E 4 -21.05 23.77 14.47
CG MSE E 4 -22.02 24.65 13.71
SE MSE E 4 -21.30 26.42 13.32
CE MSE E 4 -19.84 26.07 12.04
N SER E 5 -18.37 21.45 13.99
CA SER E 5 -17.38 20.69 14.71
C SER E 5 -15.92 20.96 14.30
N ASP E 6 -15.04 20.80 15.27
CA ASP E 6 -13.63 20.67 15.04
C ASP E 6 -13.39 19.32 14.38
N THR E 7 -12.46 19.29 13.44
CA THR E 7 -11.99 18.07 12.87
C THR E 7 -10.63 17.81 13.52
N LEU E 8 -10.41 16.58 13.93
CA LEU E 8 -9.13 16.20 14.47
C LEU E 8 -8.51 15.24 13.44
N TYR E 9 -7.38 15.66 12.90
CA TYR E 9 -6.62 14.88 11.94
C TYR E 9 -5.64 14.05 12.68
N ILE E 10 -5.58 12.76 12.35
CA ILE E 10 -4.67 11.83 12.98
C ILE E 10 -3.77 11.19 11.95
N LYS E 11 -2.46 11.33 12.15
CA LYS E 11 -1.50 10.60 11.31
C LYS E 11 -0.66 9.64 12.17
N MSE E 12 -1.13 8.42 12.29
CA MSE E 12 -0.46 7.39 13.09
C MSE E 12 0.81 6.82 12.44
O MSE E 12 0.86 6.62 11.24
CB MSE E 12 -1.42 6.24 13.44
CG MSE E 12 -1.06 5.55 14.72
SE MSE E 12 -2.28 4.06 15.11
CE MSE E 12 -1.72 3.75 16.90
N ASP E 13 1.81 6.61 13.26
CA ASP E 13 3.02 5.91 12.84
C ASP E 13 2.76 4.44 12.53
N GLN E 14 3.60 3.93 11.65
CA GLN E 14 3.65 2.52 11.29
C GLN E 14 4.30 1.66 12.38
N ALA E 15 5.35 2.16 13.02
CA ALA E 15 6.10 1.41 14.02
C ALA E 15 6.87 2.38 14.88
N VAL E 16 7.10 1.99 16.11
CA VAL E 16 7.63 2.88 17.10
C VAL E 16 8.41 2.00 18.08
N GLU E 17 9.53 2.50 18.55
CA GLU E 17 10.32 1.74 19.49
C GLU E 17 10.33 2.50 20.81
N ILE E 18 10.05 1.79 21.91
CA ILE E 18 9.77 2.47 23.16
C ILE E 18 10.63 1.92 24.28
N THR E 19 11.28 2.83 25.03
CA THR E 19 12.03 2.48 26.26
C THR E 19 11.16 2.41 27.50
N LYS E 20 10.26 3.40 27.66
CA LYS E 20 9.24 3.42 28.73
C LYS E 20 8.30 2.21 28.68
N LYS E 21 7.39 2.11 29.65
CA LYS E 21 6.49 0.96 29.78
C LYS E 21 5.08 1.34 29.43
N GLN E 22 4.90 2.63 29.16
CA GLN E 22 3.63 3.24 28.86
C GLN E 22 3.82 3.99 27.56
N VAL E 23 2.78 4.10 26.75
CA VAL E 23 2.88 4.80 25.49
C VAL E 23 1.67 5.69 25.42
N THR E 24 1.93 6.96 25.15
CA THR E 24 0.85 7.93 25.02
C THR E 24 0.46 7.97 23.57
N VAL E 25 -0.65 8.67 23.30
CA VAL E 25 -1.14 8.89 21.95
C VAL E 25 -0.11 9.61 21.08
N GLY E 26 0.44 10.72 21.58
CA GLY E 26 1.47 11.44 20.82
C GLY E 26 2.79 10.71 20.60
N ASP E 27 3.00 9.57 21.26
CA ASP E 27 4.18 8.77 20.94
C ASP E 27 3.88 7.95 19.69
N VAL E 28 2.62 7.85 19.33
CA VAL E 28 2.29 6.90 18.32
C VAL E 28 1.72 7.60 17.08
N ALA E 29 1.40 8.90 17.21
CA ALA E 29 0.74 9.63 16.13
C ALA E 29 0.92 11.12 16.18
N LYS E 30 1.08 11.73 15.04
CA LYS E 30 0.99 13.18 14.93
C LYS E 30 -0.47 13.52 14.93
N LEU E 31 -0.83 14.64 15.54
CA LEU E 31 -2.22 15.14 15.53
C LEU E 31 -2.35 16.56 15.00
N GLN E 32 -3.49 16.90 14.41
CA GLN E 32 -3.73 18.29 14.04
C GLN E 32 -5.19 18.67 14.25
N CYS E 33 -5.38 19.82 14.90
CA CYS E 33 -6.68 20.40 15.14
C CYS E 33 -6.56 21.90 15.29
N LYS E 34 -7.35 22.64 14.51
CA LYS E 34 -7.40 24.11 14.61
C LYS E 34 -7.64 24.56 16.07
N ASN E 35 -8.38 23.74 16.83
CA ASN E 35 -8.63 23.96 18.25
C ASN E 35 -7.62 23.16 19.08
N LYS E 36 -6.63 23.88 19.59
CA LYS E 36 -5.48 23.31 20.27
C LYS E 36 -5.82 22.64 21.58
N ASN E 37 -6.99 22.97 22.11
CA ASN E 37 -7.41 22.33 23.34
C ASN E 37 -7.49 20.82 23.17
N ILE E 38 -7.93 20.40 21.98
CA ILE E 38 -8.29 19.03 21.74
C ILE E 38 -7.07 18.15 21.62
N THR E 39 -6.04 18.67 20.96
CA THR E 39 -4.81 17.93 20.75
C THR E 39 -3.96 18.05 22.00
N ASN E 40 -4.04 19.19 22.66
CA ASN E 40 -3.34 19.35 23.91
C ASN E 40 -3.72 18.24 24.90
N ARG E 41 -5.01 17.92 24.96
CA ARG E 41 -5.45 16.93 25.91
C ARG E 41 -5.15 15.55 25.32
N LEU E 42 -5.45 15.33 24.05
CA LEU E 42 -5.34 13.99 23.56
C LEU E 42 -3.91 13.46 23.54
N LYS E 43 -3.00 14.27 22.96
CA LYS E 43 -1.57 13.99 22.89
C LYS E 43 -1.01 13.30 24.14
N SER E 44 -1.53 13.71 25.30
CA SER E 44 -1.03 13.36 26.62
C SER E 44 -1.49 12.01 27.15
N MSE E 45 -2.62 11.54 26.67
CA MSE E 45 -3.27 10.37 27.25
C MSE E 45 -2.52 9.07 27.01
O MSE E 45 -2.08 8.79 25.90
CB MSE E 45 -4.72 10.28 26.77
CG MSE E 45 -5.66 11.31 27.39
SE MSE E 45 -7.39 11.42 26.45
CE MSE E 45 -8.28 9.94 27.37
N LYS E 46 -2.38 8.28 28.07
CA LYS E 46 -1.94 6.88 28.02
C LYS E 46 -2.74 6.02 27.05
N LEU E 47 -2.05 5.23 26.24
CA LEU E 47 -2.71 4.43 25.23
C LEU E 47 -2.50 2.93 25.41
N LEU E 48 -1.31 2.56 25.89
CA LEU E 48 -0.93 1.15 26.06
C LEU E 48 0.15 1.05 27.10
N GLU E 49 0.05 0.05 27.96
CA GLU E 49 1.17 -0.21 28.82
C GLU E 49 1.75 -1.59 28.47
N ASP E 50 3.01 -1.80 28.84
CA ASP E 50 3.63 -3.07 28.61
C ASP E 50 3.39 -3.92 29.84
N THR E 51 2.31 -4.69 29.80
CA THR E 51 1.95 -5.50 30.94
C THR E 51 1.73 -6.98 30.62
N THR E 52 1.61 -7.34 29.35
CA THR E 52 1.34 -8.71 28.97
C THR E 52 2.59 -9.60 29.03
N LYS E 53 2.41 -10.77 29.65
CA LYS E 53 3.45 -11.80 29.89
C LYS E 53 4.00 -12.38 28.57
N GLY E 54 5.31 -12.67 28.57
CA GLY E 54 6.05 -13.05 27.37
C GLY E 54 5.86 -12.18 26.12
N LYS E 55 5.65 -10.87 26.29
CA LYS E 55 5.29 -10.02 25.16
C LYS E 55 6.01 -8.67 25.17
N LYS E 56 6.59 -8.28 24.04
CA LYS E 56 7.26 -6.98 23.84
C LYS E 56 6.76 -6.26 22.59
N ARG E 57 6.06 -7.00 21.76
CA ARG E 57 5.52 -6.45 20.53
C ARG E 57 4.04 -6.30 20.67
N TYR E 58 3.58 -5.08 20.51
CA TYR E 58 2.15 -4.80 20.49
C TYR E 58 1.76 -4.14 19.19
N ILE E 59 0.46 -4.15 18.93
CA ILE E 59 -0.10 -3.51 17.77
C ILE E 59 -1.24 -2.63 18.26
N VAL E 60 -1.19 -1.34 17.93
CA VAL E 60 -2.26 -0.44 18.32
C VAL E 60 -3.00 0.01 17.11
N SER E 61 -4.28 -0.32 17.12
CA SER E 61 -5.24 0.11 16.12
C SER E 61 -5.62 1.58 16.27
N ILE E 62 -5.69 2.31 15.16
CA ILE E 62 -6.29 3.64 15.16
C ILE E 62 -7.68 3.63 15.80
N MSE E 63 -8.34 2.45 15.79
CA MSE E 63 -9.66 2.37 16.43
C MSE E 63 -9.55 2.71 17.92
O MSE E 63 -10.50 3.20 18.50
CB MSE E 63 -10.39 1.04 16.17
CG MSE E 63 -10.68 0.72 14.69
SE MSE E 63 -11.82 1.99 13.61
CE MSE E 63 -13.43 0.88 13.61
N LYS E 64 -8.43 2.44 18.57
CA LYS E 64 -8.36 2.74 20.01
C LYS E 64 -8.22 4.26 20.22
N ILE E 65 -7.50 4.91 19.34
CA ILE E 65 -7.37 6.31 19.46
C ILE E 65 -8.75 6.99 19.27
N ILE E 66 -9.50 6.56 18.26
CA ILE E 66 -10.77 7.18 17.89
C ILE E 66 -11.76 7.01 19.02
N GLU E 67 -11.84 5.79 19.53
CA GLU E 67 -12.77 5.41 20.56
C GLU E 67 -12.50 6.18 21.85
N MSE E 68 -11.23 6.21 22.26
CA MSE E 68 -10.74 7.07 23.34
C MSE E 68 -11.10 8.56 23.15
O MSE E 68 -11.55 9.23 24.11
CB MSE E 68 -9.22 6.93 23.42
CG MSE E 68 -8.69 6.66 24.84
SE MSE E 68 -6.76 6.96 25.07
CE MSE E 68 -6.63 8.69 24.20
N ALA E 69 -10.91 9.09 21.92
CA ALA E 69 -11.15 10.48 21.62
C ALA E 69 -12.65 10.76 21.65
N ASP E 70 -13.43 9.81 21.11
CA ASP E 70 -14.90 9.91 21.11
C ASP E 70 -15.40 9.91 22.57
N GLN E 71 -14.64 9.28 23.46
CA GLN E 71 -15.00 9.15 24.87
C GLN E 71 -14.63 10.39 25.69
N THR E 72 -13.78 11.26 25.15
CA THR E 72 -13.36 12.44 25.92
C THR E 72 -13.81 13.77 25.31
N PHE E 73 -14.24 13.75 24.06
CA PHE E 73 -14.67 15.00 23.45
C PHE E 73 -16.11 14.90 23.01
N GLN E 74 -16.80 16.04 23.01
CA GLN E 74 -18.24 16.05 22.78
C GLN E 74 -18.58 16.08 21.30
N ASN E 75 -18.03 17.01 20.55
CA ASN E 75 -18.48 17.20 19.20
C ASN E 75 -17.32 17.24 18.26
N VAL E 76 -16.56 16.15 18.23
CA VAL E 76 -15.32 16.15 17.50
C VAL E 76 -15.25 15.09 16.41
N ASP E 77 -15.24 15.56 15.16
CA ASP E 77 -14.96 14.73 13.99
C ASP E 77 -13.50 14.35 13.89
N ILE E 78 -13.25 13.11 13.47
CA ILE E 78 -11.90 12.57 13.30
C ILE E 78 -11.65 12.23 11.82
N GLN E 79 -10.57 12.74 11.29
CA GLN E 79 -10.08 12.33 10.00
C GLN E 79 -8.79 11.60 10.19
N ASN E 80 -8.75 10.33 9.83
CA ASN E 80 -7.51 9.57 9.86
C ASN E 80 -6.69 9.76 8.61
N ILE E 81 -5.40 10.02 8.78
CA ILE E 81 -4.56 10.46 7.68
C ILE E 81 -3.47 9.46 7.42
N GLY E 82 -2.85 8.98 8.47
CA GLY E 82 -1.77 8.02 8.31
C GLY E 82 -2.28 6.60 8.39
N GLU E 83 -1.54 5.81 9.17
CA GLU E 83 -1.65 4.38 9.21
C GLU E 83 -2.85 3.96 10.05
N THR E 84 -3.16 2.66 10.06
CA THR E 84 -4.30 2.12 10.79
C THR E 84 -3.89 1.15 11.89
N GLU E 85 -2.59 0.88 11.97
CA GLU E 85 -2.03 -0.10 12.92
C GLU E 85 -0.63 0.39 13.16
N CYS E 86 -0.27 0.59 14.42
CA CYS E 86 1.11 0.91 14.74
C CYS E 86 1.67 -0.26 15.54
N VAL E 87 2.83 -0.77 15.10
CA VAL E 87 3.49 -1.80 15.86
C VAL E 87 4.37 -1.12 16.89
N VAL E 88 4.03 -1.31 18.14
CA VAL E 88 4.81 -0.78 19.25
C VAL E 88 5.73 -1.90 19.78
N GLU E 89 7.03 -1.62 19.75
CA GLU E 89 8.09 -2.49 20.26
C GLU E 89 8.70 -1.87 21.54
N PHE E 90 8.53 -2.57 22.68
CA PHE E 90 9.14 -2.10 23.93
C PHE E 90 10.56 -2.64 24.03
N LYS E 91 11.54 -1.76 23.94
CA LYS E 91 12.93 -2.21 24.05
C LYS E 91 13.32 -2.22 25.49
N THR E 92 14.40 -2.93 25.78
CA THR E 92 14.70 -3.28 27.13
C THR E 92 16.04 -2.72 27.65
N PRO E 93 16.09 -1.41 27.99
CA PRO E 93 17.13 -0.99 28.92
C PRO E 93 16.58 -0.97 30.35
N SER F 5 -20.00 25.27 5.19
CA SER F 5 -18.70 24.55 5.37
C SER F 5 -18.15 23.99 4.04
N ASP F 6 -16.87 24.27 3.74
CA ASP F 6 -16.27 23.88 2.45
C ASP F 6 -15.33 22.67 2.55
N THR F 7 -15.45 21.74 1.60
CA THR F 7 -14.49 20.62 1.53
C THR F 7 -13.33 20.89 0.59
N LEU F 8 -12.13 20.63 1.08
CA LEU F 8 -10.91 20.81 0.31
C LEU F 8 -10.24 19.47 0.12
N TYR F 9 -10.02 19.12 -1.14
CA TYR F 9 -9.38 17.85 -1.47
C TYR F 9 -7.92 18.06 -1.84
N ILE F 10 -7.05 17.28 -1.21
CA ILE F 10 -5.61 17.40 -1.40
C ILE F 10 -5.00 16.08 -1.83
N LYS F 11 -4.37 16.12 -3.00
CA LYS F 11 -3.62 15.01 -3.51
C LYS F 11 -2.21 15.48 -3.71
N MSE F 12 -1.39 15.12 -2.74
CA MSE F 12 0.00 15.47 -2.73
C MSE F 12 0.80 14.38 -3.43
O MSE F 12 0.44 13.20 -3.35
CB MSE F 12 0.48 15.62 -1.27
CG MSE F 12 1.81 16.32 -1.14
SE MSE F 12 2.31 16.65 0.74
CE MSE F 12 1.97 14.94 1.55
N ASP F 13 1.84 14.81 -4.14
CA ASP F 13 2.82 13.97 -4.82
C ASP F 13 3.69 13.20 -3.83
N GLN F 14 4.24 12.07 -4.28
CA GLN F 14 5.28 11.35 -3.56
C GLN F 14 6.61 12.11 -3.54
N ALA F 15 6.98 12.63 -4.71
CA ALA F 15 8.22 13.33 -4.87
C ALA F 15 8.11 14.37 -5.97
N VAL F 16 8.83 15.48 -5.83
CA VAL F 16 8.92 16.47 -6.90
C VAL F 16 10.29 17.12 -7.04
N GLU F 17 10.69 17.38 -8.28
CA GLU F 17 11.88 18.14 -8.56
C GLU F 17 11.45 19.57 -8.72
N ILE F 18 12.28 20.50 -8.26
CA ILE F 18 11.88 21.89 -8.27
C ILE F 18 12.96 22.81 -8.78
N THR F 19 12.55 23.65 -9.72
CA THR F 19 13.43 24.59 -10.40
C THR F 19 13.80 25.81 -9.55
N LYS F 20 12.78 26.56 -9.12
CA LYS F 20 12.95 27.88 -8.49
C LYS F 20 13.32 27.78 -7.01
N LYS F 21 13.52 28.93 -6.37
CA LYS F 21 13.92 29.02 -4.96
C LYS F 21 12.78 28.70 -3.99
N GLN F 22 11.65 29.36 -4.18
CA GLN F 22 10.51 29.20 -3.29
C GLN F 22 9.62 28.07 -3.73
N VAL F 23 9.24 27.24 -2.77
CA VAL F 23 8.29 26.19 -3.04
C VAL F 23 6.95 26.54 -2.42
N THR F 24 5.90 26.02 -3.05
CA THR F 24 4.57 26.51 -2.92
C THR F 24 3.69 25.29 -2.75
N VAL F 25 2.64 25.40 -1.96
CA VAL F 25 1.68 24.32 -1.84
C VAL F 25 1.30 23.71 -3.21
N GLY F 26 1.06 24.61 -4.16
CA GLY F 26 0.74 24.22 -5.53
C GLY F 26 1.78 23.34 -6.18
N ASP F 27 3.06 23.61 -5.89
CA ASP F 27 4.17 22.82 -6.42
C ASP F 27 4.29 21.40 -5.90
N VAL F 28 3.55 21.02 -4.86
CA VAL F 28 3.68 19.66 -4.34
C VAL F 28 2.38 18.90 -4.27
N ALA F 29 1.28 19.55 -4.58
CA ALA F 29 -0.04 18.95 -4.40
C ALA F 29 -1.01 19.53 -5.40
N LYS F 30 -1.87 18.66 -5.93
CA LYS F 30 -3.04 19.10 -6.64
C LYS F 30 -4.17 19.28 -5.63
N LEU F 31 -4.93 20.34 -5.78
CA LEU F 31 -5.95 20.80 -4.85
C LEU F 31 -7.33 20.88 -5.50
N GLN F 32 -8.40 20.66 -4.74
CA GLN F 32 -9.72 20.82 -5.36
C GLN F 32 -10.75 21.26 -4.33
N CYS F 33 -11.62 22.18 -4.72
CA CYS F 33 -12.60 22.75 -3.81
C CYS F 33 -13.66 23.49 -4.62
N LYS F 34 -14.92 23.37 -4.21
CA LYS F 34 -16.01 24.06 -4.89
C LYS F 34 -15.91 25.59 -4.75
N ASN F 35 -15.26 26.03 -3.68
CA ASN F 35 -15.00 27.45 -3.51
C ASN F 35 -13.58 27.65 -3.94
N LYS F 36 -13.42 28.29 -5.09
CA LYS F 36 -12.10 28.44 -5.69
C LYS F 36 -11.17 29.42 -4.97
N ASN F 37 -11.74 30.23 -4.09
CA ASN F 37 -10.98 31.26 -3.37
C ASN F 37 -10.06 30.59 -2.39
N ILE F 38 -10.58 29.51 -1.80
CA ILE F 38 -9.81 28.63 -0.95
C ILE F 38 -8.67 27.97 -1.72
N THR F 39 -9.00 27.25 -2.79
CA THR F 39 -7.99 26.68 -3.69
C THR F 39 -6.95 27.74 -4.08
N ASN F 40 -7.40 28.94 -4.44
CA ASN F 40 -6.47 30.00 -4.83
C ASN F 40 -5.59 30.57 -3.73
N ARG F 41 -6.15 30.78 -2.55
CA ARG F 41 -5.33 31.14 -1.40
C ARG F 41 -4.28 30.03 -1.17
N LEU F 42 -4.69 28.79 -0.85
CA LEU F 42 -3.74 27.80 -0.41
C LEU F 42 -2.68 27.53 -1.46
N LYS F 43 -3.05 27.54 -2.73
CA LYS F 43 -2.15 27.14 -3.83
C LYS F 43 -0.79 27.86 -3.80
N SER F 44 -0.81 29.18 -3.59
CA SER F 44 0.39 30.02 -3.67
C SER F 44 1.12 30.18 -2.35
N MSE F 45 0.60 29.61 -1.28
CA MSE F 45 1.23 29.74 0.03
C MSE F 45 2.61 29.10 0.10
O MSE F 45 2.79 27.90 -0.19
CB MSE F 45 0.33 29.20 1.14
CG MSE F 45 -0.69 30.20 1.62
SE MSE F 45 -1.81 29.62 3.11
CE MSE F 45 -0.70 30.24 4.61
N LYS F 46 3.59 29.92 0.49
CA LYS F 46 4.98 29.50 0.65
C LYS F 46 5.08 28.36 1.64
N LEU F 47 5.79 27.31 1.25
CA LEU F 47 5.79 26.08 1.99
C LEU F 47 7.22 25.77 2.34
N LEU F 48 8.04 25.69 1.30
CA LEU F 48 9.43 25.38 1.50
C LEU F 48 10.32 26.48 0.96
N GLU F 49 11.53 26.47 1.50
CA GLU F 49 12.48 27.55 1.43
C GLU F 49 13.84 26.91 1.18
N ASP F 50 14.71 27.56 0.42
CA ASP F 50 15.97 26.90 0.06
C ASP F 50 17.14 27.21 1.00
N THR F 51 17.33 26.35 2.01
CA THR F 51 18.46 26.44 2.96
C THR F 51 19.73 25.79 2.40
N GLY F 54 24.35 23.08 1.88
CA GLY F 54 24.34 21.70 2.37
C GLY F 54 23.80 20.70 1.34
N LYS F 55 22.77 19.96 1.74
CA LYS F 55 22.11 19.00 0.85
C LYS F 55 20.65 19.42 0.61
N LYS F 56 20.09 18.94 -0.51
CA LYS F 56 18.88 19.57 -1.06
C LYS F 56 17.67 18.62 -1.20
N ARG F 57 17.53 17.68 -0.27
CA ARG F 57 16.29 16.91 -0.14
C ARG F 57 15.54 17.38 1.09
N TYR F 58 14.26 17.67 0.92
CA TYR F 58 13.37 18.07 2.01
C TYR F 58 12.15 17.18 2.07
N ILE F 59 11.54 17.13 3.24
CA ILE F 59 10.32 16.36 3.38
C ILE F 59 9.18 17.25 3.86
N VAL F 60 8.06 17.16 3.16
CA VAL F 60 6.87 17.87 3.59
C VAL F 60 5.85 16.83 3.94
N SER F 61 5.27 17.01 5.11
CA SER F 61 4.20 16.20 5.58
C SER F 61 2.93 16.88 5.14
N ILE F 62 1.91 16.08 4.85
CA ILE F 62 0.59 16.62 4.55
C ILE F 62 0.05 17.39 5.73
N MSE F 63 0.54 17.03 6.93
CA MSE F 63 0.13 17.66 8.17
C MSE F 63 0.53 19.14 8.25
O MSE F 63 -0.16 19.91 8.91
CB MSE F 63 0.66 16.91 9.40
CG MSE F 63 0.16 15.46 9.56
SE MSE F 63 -1.76 15.36 9.89
CE MSE F 63 -1.63 14.95 11.84
N LYS F 64 1.64 19.54 7.61
CA LYS F 64 2.03 20.93 7.66
C LYS F 64 1.04 21.73 6.82
N ILE F 65 0.59 21.16 5.72
CA ILE F 65 -0.39 21.77 4.85
C ILE F 65 -1.74 21.90 5.52
N ILE F 66 -2.12 20.88 6.29
CA ILE F 66 -3.41 20.88 6.94
C ILE F 66 -3.38 21.92 8.04
N GLU F 67 -2.22 22.05 8.68
CA GLU F 67 -2.06 23.04 9.71
C GLU F 67 -2.23 24.43 9.14
N MSE F 68 -1.75 24.61 7.91
CA MSE F 68 -1.74 25.89 7.23
C MSE F 68 -3.14 26.31 6.83
O MSE F 68 -3.58 27.41 7.15
CB MSE F 68 -0.80 25.87 6.04
CG MSE F 68 0.67 25.92 6.40
SE MSE F 68 1.81 25.69 4.80
CE MSE F 68 1.54 27.46 4.04
N ALA F 69 -3.81 25.41 6.12
CA ALA F 69 -5.19 25.66 5.74
C ALA F 69 -6.05 25.98 6.96
N ASP F 70 -5.91 25.19 8.04
CA ASP F 70 -6.64 25.39 9.29
C ASP F 70 -6.39 26.78 9.87
N GLN F 71 -5.14 27.24 9.77
CA GLN F 71 -4.75 28.52 10.34
C GLN F 71 -5.37 29.67 9.58
N THR F 72 -5.52 29.53 8.27
CA THR F 72 -5.87 30.66 7.45
C THR F 72 -7.34 30.69 7.06
N PHE F 73 -7.97 29.52 7.04
CA PHE F 73 -9.35 29.47 6.68
C PHE F 73 -10.24 29.21 7.89
N GLN F 74 -11.44 29.78 7.87
CA GLN F 74 -12.47 29.35 8.81
C GLN F 74 -13.38 28.35 8.07
N ASN F 75 -13.89 27.37 8.79
CA ASN F 75 -14.90 26.49 8.23
C ASN F 75 -14.45 25.59 7.06
N VAL F 76 -13.17 25.19 7.02
CA VAL F 76 -12.72 24.35 5.89
C VAL F 76 -12.42 22.90 6.31
N ASP F 77 -13.13 21.96 5.72
CA ASP F 77 -12.90 20.54 5.98
C ASP F 77 -12.00 19.94 4.93
N ILE F 78 -10.97 19.23 5.36
CA ILE F 78 -9.94 18.70 4.45
C ILE F 78 -10.02 17.20 4.29
N GLN F 79 -10.03 16.72 3.04
CA GLN F 79 -9.89 15.29 2.72
C GLN F 79 -8.55 15.04 2.10
N ASN F 80 -7.84 14.06 2.61
CA ASN F 80 -6.58 13.74 2.01
C ASN F 80 -6.65 12.53 1.09
N ILE F 81 -6.52 12.83 -0.19
CA ILE F 81 -6.63 11.87 -1.25
C ILE F 81 -5.28 11.20 -1.58
N GLY F 82 -4.17 11.91 -1.44
CA GLY F 82 -2.89 11.48 -2.02
C GLY F 82 -1.92 10.87 -1.02
N GLU F 83 -0.64 11.19 -1.20
CA GLU F 83 0.42 10.86 -0.24
C GLU F 83 0.38 11.66 1.07
N THR F 84 1.04 11.14 2.09
CA THR F 84 1.10 11.80 3.38
C THR F 84 2.45 12.47 3.59
N GLU F 85 3.41 12.12 2.73
CA GLU F 85 4.77 12.66 2.77
C GLU F 85 5.16 12.98 1.31
N CYS F 86 5.86 14.09 1.11
CA CYS F 86 6.38 14.41 -0.21
C CYS F 86 7.84 14.65 -0.06
N VAL F 87 8.64 14.02 -0.91
CA VAL F 87 10.08 14.32 -0.97
C VAL F 87 10.32 15.37 -2.04
N VAL F 88 10.81 16.51 -1.60
CA VAL F 88 11.08 17.65 -2.44
C VAL F 88 12.57 17.77 -2.63
N GLU F 89 13.00 17.99 -3.87
CA GLU F 89 14.43 18.10 -4.20
C GLU F 89 14.72 19.24 -5.18
N PHE F 90 15.73 20.04 -4.84
CA PHE F 90 16.19 21.13 -5.68
C PHE F 90 17.38 20.66 -6.51
N LYS F 91 17.43 21.10 -7.76
CA LYS F 91 18.59 20.90 -8.64
C LYS F 91 18.33 21.75 -9.87
N THR F 92 19.40 22.29 -10.47
CA THR F 92 19.28 23.25 -11.57
C THR F 92 19.57 22.58 -12.92
N MSE G 4 -28.83 19.13 5.60
CA MSE G 4 -27.73 18.13 5.48
C MSE G 4 -27.28 17.94 4.02
O MSE G 4 -28.09 17.96 3.10
CB MSE G 4 -28.15 16.78 6.12
CG MSE G 4 -29.58 16.29 5.80
SE MSE G 4 -29.96 14.37 6.16
CE MSE G 4 -28.59 13.53 5.02
N SER G 5 -25.97 17.76 3.82
CA SER G 5 -25.44 17.48 2.49
C SER G 5 -25.41 15.96 2.26
N ASP G 6 -25.19 15.52 1.01
CA ASP G 6 -25.14 14.08 0.70
C ASP G 6 -23.72 13.56 0.54
N THR G 7 -23.45 12.41 1.18
CA THR G 7 -22.13 11.79 1.08
C THR G 7 -22.11 10.81 -0.09
N LEU G 8 -21.21 11.08 -1.02
CA LEU G 8 -21.01 10.20 -2.14
C LEU G 8 -19.73 9.43 -1.94
N TYR G 9 -19.84 8.08 -1.92
CA TYR G 9 -18.66 7.22 -1.80
C TYR G 9 -18.21 6.79 -3.19
N ILE G 10 -16.93 7.01 -3.53
CA ILE G 10 -16.37 6.67 -4.85
C ILE G 10 -15.24 5.68 -4.77
N LYS G 11 -15.43 4.52 -5.39
CA LYS G 11 -14.38 3.45 -5.44
C LYS G 11 -13.95 3.17 -6.88
N MSE G 12 -12.86 3.81 -7.29
CA MSE G 12 -12.41 3.78 -8.67
C MSE G 12 -11.49 2.61 -8.82
O MSE G 12 -10.77 2.27 -7.89
CB MSE G 12 -11.64 5.06 -8.98
CG MSE G 12 -11.11 5.13 -10.39
SE MSE G 12 -10.46 6.92 -10.80
CE MSE G 12 -9.01 7.05 -9.55
N ASP G 13 -11.52 1.97 -9.98
CA ASP G 13 -10.68 0.80 -10.18
C ASP G 13 -9.27 1.21 -10.59
N GLN G 14 -8.32 0.33 -10.31
CA GLN G 14 -6.93 0.46 -10.75
C GLN G 14 -6.85 0.56 -12.28
N ALA G 15 -7.54 -0.34 -12.95
CA ALA G 15 -7.42 -0.47 -14.39
C ALA G 15 -8.74 -0.95 -14.97
N VAL G 16 -9.04 -0.55 -16.20
CA VAL G 16 -10.31 -0.94 -16.83
C VAL G 16 -10.15 -1.17 -18.33
N GLU G 17 -11.06 -1.99 -18.87
CA GLU G 17 -10.98 -2.50 -20.24
C GLU G 17 -12.17 -2.04 -21.07
N ILE G 18 -11.96 -1.06 -21.95
CA ILE G 18 -13.06 -0.52 -22.74
C ILE G 18 -12.97 -0.76 -24.26
N THR G 19 -14.08 -1.22 -24.81
CA THR G 19 -14.19 -1.54 -26.24
C THR G 19 -15.01 -0.48 -26.96
N LYS G 20 -16.03 0.02 -26.27
CA LYS G 20 -16.87 1.13 -26.71
C LYS G 20 -16.07 2.40 -26.97
N LYS G 21 -16.77 3.42 -27.46
CA LYS G 21 -16.15 4.69 -27.86
C LYS G 21 -15.70 5.56 -26.69
N GLN G 22 -16.64 6.01 -25.86
CA GLN G 22 -16.29 6.91 -24.78
C GLN G 22 -16.31 6.22 -23.40
N VAL G 23 -15.64 6.83 -22.43
CA VAL G 23 -15.59 6.30 -21.09
C VAL G 23 -16.33 7.20 -20.13
N THR G 24 -17.18 6.58 -19.31
CA THR G 24 -18.09 7.29 -18.44
C THR G 24 -17.66 7.01 -17.01
N VAL G 25 -18.09 7.85 -16.08
CA VAL G 25 -17.70 7.73 -14.69
C VAL G 25 -17.98 6.30 -14.16
N GLY G 26 -19.16 5.78 -14.51
CA GLY G 26 -19.59 4.45 -14.12
C GLY G 26 -18.77 3.33 -14.77
N ASP G 27 -18.08 3.67 -15.84
CA ASP G 27 -17.19 2.71 -16.50
C ASP G 27 -15.94 2.45 -15.67
N VAL G 28 -15.70 3.31 -14.70
CA VAL G 28 -14.39 3.47 -14.12
C VAL G 28 -14.49 3.39 -12.58
N ALA G 29 -15.67 3.70 -12.06
CA ALA G 29 -15.88 3.72 -10.62
C ALA G 29 -17.24 3.18 -10.19
N LYS G 30 -17.24 2.60 -9.00
CA LYS G 30 -18.43 2.15 -8.30
C LYS G 30 -18.93 3.32 -7.42
N LEU G 31 -20.24 3.40 -7.18
CA LEU G 31 -20.84 4.59 -6.57
C LEU G 31 -21.92 4.29 -5.53
N GLN G 32 -21.96 5.12 -4.47
CA GLN G 32 -22.96 5.04 -3.43
C GLN G 32 -23.31 6.38 -2.85
N CYS G 33 -24.59 6.54 -2.64
CA CYS G 33 -25.14 7.74 -2.08
C CYS G 33 -26.55 7.44 -1.67
N LYS G 34 -26.89 7.68 -0.40
CA LYS G 34 -28.28 7.66 0.03
C LYS G 34 -29.15 8.35 -1.00
N ASN G 35 -28.69 9.51 -1.48
CA ASN G 35 -29.39 10.28 -2.52
C ASN G 35 -29.11 9.69 -3.88
N LYS G 36 -30.04 8.87 -4.35
CA LYS G 36 -29.89 8.14 -5.60
C LYS G 36 -29.91 9.03 -6.85
N ASN G 37 -30.35 10.27 -6.72
CA ASN G 37 -30.31 11.20 -7.88
C ASN G 37 -28.88 11.59 -8.22
N ILE G 38 -28.04 11.64 -7.18
CA ILE G 38 -26.67 12.09 -7.34
C ILE G 38 -25.86 11.10 -8.16
N THR G 39 -25.92 9.81 -7.78
CA THR G 39 -25.30 8.71 -8.55
C THR G 39 -25.89 8.59 -9.98
N ASN G 40 -27.22 8.52 -10.08
CA ASN G 40 -27.91 8.56 -11.38
C ASN G 40 -27.28 9.51 -12.41
N ARG G 41 -26.98 10.75 -12.00
CA ARG G 41 -26.40 11.76 -12.89
C ARG G 41 -24.91 11.48 -13.10
N LEU G 42 -24.16 11.31 -11.99
CA LEU G 42 -22.71 11.13 -12.08
C LEU G 42 -22.31 9.93 -12.93
N LYS G 43 -22.81 8.75 -12.54
CA LYS G 43 -22.61 7.51 -13.27
C LYS G 43 -22.61 7.75 -14.79
N SER G 44 -23.63 8.47 -15.27
CA SER G 44 -23.81 8.71 -16.71
C SER G 44 -22.82 9.69 -17.32
N MSE G 45 -22.23 10.55 -16.49
CA MSE G 45 -21.49 11.66 -17.05
C MSE G 45 -20.24 11.21 -17.76
O MSE G 45 -19.42 10.46 -17.22
CB MSE G 45 -21.11 12.66 -15.98
CG MSE G 45 -22.23 13.52 -15.53
SE MSE G 45 -21.36 14.79 -14.41
CE MSE G 45 -21.09 16.23 -15.70
N LYS G 46 -20.11 11.69 -19.00
CA LYS G 46 -18.95 11.47 -19.86
C LYS G 46 -17.66 11.86 -19.15
N LEU G 47 -16.69 10.94 -19.10
CA LEU G 47 -15.35 11.26 -18.61
C LEU G 47 -14.33 11.66 -19.67
N LEU G 48 -14.13 10.78 -20.66
CA LEU G 48 -12.92 10.85 -21.46
C LEU G 48 -13.09 10.20 -22.82
N GLU G 49 -12.29 10.66 -23.77
CA GLU G 49 -12.17 10.06 -25.09
C GLU G 49 -10.65 10.00 -25.43
N ASP G 50 -10.18 8.92 -26.07
CA ASP G 50 -8.77 8.88 -26.50
C ASP G 50 -8.49 9.72 -27.78
N THR G 51 -8.70 11.03 -27.60
CA THR G 51 -8.54 12.06 -28.60
C THR G 51 -8.30 11.52 -30.02
N LYS G 56 -2.58 4.90 -26.57
CA LYS G 56 -3.81 4.19 -26.28
C LYS G 56 -3.95 3.84 -24.79
N ARG G 57 -2.82 3.84 -24.09
CA ARG G 57 -2.87 3.67 -22.64
C ARG G 57 -3.03 5.04 -21.97
N TYR G 58 -4.21 5.24 -21.35
CA TYR G 58 -4.64 6.50 -20.68
C TYR G 58 -4.83 6.39 -19.16
N ILE G 59 -4.84 7.54 -18.50
CA ILE G 59 -4.92 7.63 -17.05
C ILE G 59 -5.93 8.66 -16.56
N VAL G 60 -6.84 8.26 -15.68
CA VAL G 60 -7.80 9.16 -15.09
C VAL G 60 -7.46 9.35 -13.63
N SER G 61 -7.47 10.61 -13.24
CA SER G 61 -7.32 11.00 -11.87
C SER G 61 -8.68 11.02 -11.18
N ILE G 62 -8.76 10.54 -9.95
CA ILE G 62 -9.92 10.75 -9.08
C ILE G 62 -10.17 12.24 -8.90
N MSE G 63 -9.10 13.01 -8.81
CA MSE G 63 -9.26 14.46 -8.80
C MSE G 63 -10.15 14.94 -9.92
O MSE G 63 -10.94 15.84 -9.68
CB MSE G 63 -7.91 15.18 -8.82
CG MSE G 63 -7.11 14.87 -7.58
SE MSE G 63 -8.04 15.46 -5.97
CE MSE G 63 -7.23 17.21 -5.95
N LYS G 64 -10.10 14.34 -11.10
CA LYS G 64 -11.00 14.79 -12.20
C LYS G 64 -12.47 14.53 -11.88
N ILE G 65 -12.79 13.33 -11.39
CA ILE G 65 -14.15 13.00 -11.06
C ILE G 65 -14.62 13.89 -9.91
N ILE G 66 -13.76 14.13 -8.92
CA ILE G 66 -14.09 15.04 -7.83
C ILE G 66 -14.49 16.47 -8.33
N GLU G 67 -13.73 17.01 -9.27
CA GLU G 67 -14.03 18.33 -9.78
C GLU G 67 -15.38 18.35 -10.50
N MSE G 68 -15.70 17.23 -11.15
CA MSE G 68 -16.92 17.16 -11.90
C MSE G 68 -18.08 17.21 -10.94
O MSE G 68 -18.97 18.06 -11.07
CB MSE G 68 -17.00 15.86 -12.69
CG MSE G 68 -16.10 15.82 -13.88
SE MSE G 68 -16.79 14.33 -14.93
CE MSE G 68 -17.51 15.43 -16.39
N ALA G 69 -18.05 16.31 -9.95
CA ALA G 69 -19.16 16.22 -9.03
C ALA G 69 -19.39 17.59 -8.38
N ASP G 70 -18.30 18.24 -7.96
CA ASP G 70 -18.35 19.58 -7.36
C ASP G 70 -18.99 20.56 -8.31
N GLN G 71 -18.71 20.44 -9.61
CA GLN G 71 -19.30 21.32 -10.63
C GLN G 71 -20.79 21.14 -10.79
N THR G 72 -21.26 19.92 -10.53
CA THR G 72 -22.62 19.50 -10.91
C THR G 72 -23.62 19.66 -9.76
N PHE G 73 -23.17 19.37 -8.55
CA PHE G 73 -24.06 19.25 -7.41
C PHE G 73 -23.87 20.40 -6.42
N GLN G 74 -24.89 20.65 -5.61
CA GLN G 74 -24.71 21.45 -4.40
C GLN G 74 -24.72 20.54 -3.17
N ASN G 75 -23.90 20.90 -2.19
CA ASN G 75 -23.75 20.14 -0.96
C ASN G 75 -23.64 18.63 -1.15
N VAL G 76 -22.61 18.22 -1.90
CA VAL G 76 -22.25 16.82 -2.02
C VAL G 76 -20.80 16.69 -1.60
N ASP G 77 -20.55 15.96 -0.51
CA ASP G 77 -19.19 15.77 -0.01
C ASP G 77 -18.74 14.35 -0.32
N ILE G 78 -17.55 14.23 -0.90
CA ILE G 78 -17.05 12.95 -1.40
C ILE G 78 -16.10 12.25 -0.45
N GLN G 79 -16.32 10.95 -0.32
CA GLN G 79 -15.41 10.03 0.33
C GLN G 79 -14.87 9.09 -0.71
N ASN G 80 -13.56 9.17 -0.91
CA ASN G 80 -12.85 8.29 -1.81
C ASN G 80 -12.42 7.01 -1.13
N ILE G 81 -13.05 5.91 -1.54
CA ILE G 81 -12.87 4.63 -0.96
C ILE G 81 -11.81 3.86 -1.76
N GLY G 82 -11.68 4.15 -3.06
CA GLY G 82 -10.78 3.36 -3.90
C GLY G 82 -9.45 3.98 -4.30
N GLU G 83 -9.05 3.72 -5.55
CA GLU G 83 -7.82 4.25 -6.11
C GLU G 83 -7.90 5.73 -6.48
N THR G 84 -6.74 6.33 -6.78
CA THR G 84 -6.62 7.76 -6.98
C THR G 84 -6.25 8.01 -8.45
N GLU G 85 -5.84 6.93 -9.12
CA GLU G 85 -5.53 6.95 -10.55
C GLU G 85 -6.05 5.70 -11.24
N CYS G 86 -6.61 5.88 -12.42
CA CYS G 86 -7.10 4.76 -13.20
C CYS G 86 -6.56 4.70 -14.63
N VAL G 87 -6.20 3.47 -15.03
CA VAL G 87 -5.68 3.15 -16.35
C VAL G 87 -6.80 2.62 -17.23
N VAL G 88 -7.16 3.43 -18.23
CA VAL G 88 -8.20 3.09 -19.17
C VAL G 88 -7.49 2.84 -20.48
N GLU G 89 -7.22 1.57 -20.74
CA GLU G 89 -6.54 1.15 -21.94
C GLU G 89 -7.60 0.86 -22.97
N PHE G 90 -7.37 1.36 -24.18
CA PHE G 90 -8.25 1.09 -25.30
C PHE G 90 -7.63 0.02 -26.19
N LYS G 91 -8.12 -1.21 -26.06
CA LYS G 91 -7.63 -2.34 -26.84
C LYS G 91 -8.30 -2.32 -28.21
N THR G 92 -7.54 -2.75 -29.22
CA THR G 92 -8.02 -2.74 -30.59
C THR G 92 -9.19 -3.72 -30.89
N PRO G 93 -9.34 -4.82 -30.11
CA PRO G 93 -10.51 -5.69 -30.29
C PRO G 93 -11.81 -4.92 -30.59
N LYS G 94 -12.21 -4.95 -31.86
CA LYS G 94 -13.36 -4.17 -32.38
C LYS G 94 -13.86 -3.08 -31.42
N MSE H 4 -26.40 17.76 12.08
CA MSE H 4 -25.38 17.04 12.92
C MSE H 4 -25.68 15.55 12.98
O MSE H 4 -26.63 15.12 13.65
CB MSE H 4 -25.22 17.66 14.33
CG MSE H 4 -26.27 18.73 14.77
SE MSE H 4 -27.81 18.13 15.85
CE MSE H 4 -28.95 17.47 14.41
N SER H 5 -24.86 14.75 12.28
CA SER H 5 -25.06 13.32 12.11
C SER H 5 -24.06 12.49 12.94
N ASP H 6 -24.14 11.17 12.86
CA ASP H 6 -23.14 10.32 13.48
C ASP H 6 -22.12 9.84 12.48
N THR H 7 -20.90 9.60 12.97
CA THR H 7 -19.87 9.14 12.10
C THR H 7 -19.50 7.73 12.47
N LEU H 8 -19.55 6.86 11.45
CA LEU H 8 -19.25 5.44 11.60
C LEU H 8 -17.99 5.05 10.86
N TYR H 9 -17.05 4.53 11.67
CA TYR H 9 -15.74 4.07 11.27
C TYR H 9 -15.77 2.55 11.10
N ILE H 10 -15.27 2.10 9.97
CA ILE H 10 -15.23 0.68 9.65
C ILE H 10 -13.80 0.34 9.28
N LYS H 11 -13.35 -0.77 9.81
CA LYS H 11 -12.05 -1.30 9.51
C LYS H 11 -12.30 -2.72 9.05
N MSE H 12 -12.49 -2.92 7.75
CA MSE H 12 -12.67 -4.28 7.29
C MSE H 12 -11.38 -5.11 7.47
O MSE H 12 -10.29 -4.58 7.32
CB MSE H 12 -13.19 -4.31 5.87
CG MSE H 12 -13.90 -5.62 5.60
SE MSE H 12 -15.15 -5.42 4.10
CE MSE H 12 -14.01 -4.40 2.98
N ASP H 13 -11.55 -6.39 7.81
CA ASP H 13 -10.48 -7.41 7.68
C ASP H 13 -10.14 -7.78 6.21
N GLN H 14 -8.95 -8.32 6.00
CA GLN H 14 -8.52 -8.81 4.69
C GLN H 14 -9.12 -10.18 4.44
N ALA H 15 -9.29 -10.97 5.48
CA ALA H 15 -9.57 -12.42 5.29
C ALA H 15 -10.08 -13.02 6.59
N VAL H 16 -11.07 -13.91 6.47
CA VAL H 16 -11.84 -14.41 7.58
C VAL H 16 -12.29 -15.85 7.32
N GLU H 17 -11.91 -16.73 8.22
CA GLU H 17 -12.46 -18.05 8.27
C GLU H 17 -13.75 -18.00 9.09
N ILE H 18 -14.79 -18.72 8.66
CA ILE H 18 -15.91 -18.99 9.57
C ILE H 18 -16.47 -20.42 9.46
N THR H 19 -17.17 -20.87 10.50
CA THR H 19 -17.95 -22.10 10.44
C THR H 19 -19.41 -21.91 10.87
N LYS H 20 -20.04 -20.80 10.45
CA LYS H 20 -21.43 -20.48 10.82
C LYS H 20 -22.51 -20.73 9.74
N LYS H 21 -22.15 -20.56 8.46
CA LYS H 21 -23.08 -20.63 7.30
C LYS H 21 -23.85 -19.31 7.18
N GLN H 22 -23.41 -18.34 7.97
CA GLN H 22 -24.09 -17.07 8.06
C GLN H 22 -23.05 -16.05 8.55
N VAL H 23 -22.57 -15.24 7.63
CA VAL H 23 -21.63 -14.19 8.00
C VAL H 23 -22.39 -12.92 8.30
N THR H 24 -22.02 -12.26 9.40
CA THR H 24 -22.51 -10.91 9.72
C THR H 24 -21.41 -9.91 9.44
N VAL H 25 -21.76 -8.63 9.51
CA VAL H 25 -20.80 -7.52 9.37
C VAL H 25 -19.74 -7.54 10.46
N GLY H 26 -20.16 -7.84 11.69
CA GLY H 26 -19.27 -8.09 12.82
C GLY H 26 -18.23 -9.16 12.59
N ASP H 27 -18.51 -10.12 11.70
CA ASP H 27 -17.54 -11.23 11.45
C ASP H 27 -16.43 -10.72 10.52
N VAL H 28 -16.76 -9.64 9.84
CA VAL H 28 -15.96 -9.16 8.74
C VAL H 28 -15.31 -7.79 9.04
N ALA H 29 -15.76 -7.11 10.08
CA ALA H 29 -15.24 -5.75 10.35
C ALA H 29 -15.27 -5.26 11.80
N LYS H 30 -14.33 -4.36 12.11
CA LYS H 30 -14.40 -3.53 13.33
C LYS H 30 -15.17 -2.27 13.11
N LEU H 31 -15.96 -1.89 14.12
CA LEU H 31 -16.79 -0.70 13.99
C LEU H 31 -16.63 0.24 15.16
N GLN H 32 -16.68 1.55 14.89
CA GLN H 32 -16.81 2.58 15.93
C GLN H 32 -17.77 3.70 15.59
N CYS H 33 -18.67 3.93 16.53
CA CYS H 33 -19.54 5.10 16.51
C CYS H 33 -19.80 5.60 17.92
N LYS H 34 -19.73 6.92 18.12
CA LYS H 34 -20.24 7.49 19.37
C LYS H 34 -21.63 6.91 19.69
N ASN H 35 -22.44 6.75 18.65
CA ASN H 35 -23.74 6.10 18.77
C ASN H 35 -23.59 4.59 18.73
N LYS H 36 -23.45 3.99 19.90
CA LYS H 36 -23.35 2.55 20.05
C LYS H 36 -24.52 1.84 19.42
N ASN H 37 -25.68 2.47 19.48
CA ASN H 37 -26.87 1.90 18.90
C ASN H 37 -26.68 1.66 17.42
N ILE H 38 -25.87 2.49 16.78
CA ILE H 38 -25.58 2.26 15.38
C ILE H 38 -24.72 1.02 15.19
N THR H 39 -23.60 0.98 15.91
CA THR H 39 -22.70 -0.18 15.86
C THR H 39 -23.44 -1.47 16.26
N ASN H 40 -24.23 -1.40 17.31
CA ASN H 40 -25.00 -2.57 17.71
C ASN H 40 -25.96 -3.04 16.62
N ARG H 41 -26.60 -2.11 15.92
CA ARG H 41 -27.49 -2.50 14.82
C ARG H 41 -26.72 -3.15 13.66
N LEU H 42 -25.80 -2.42 13.03
CA LEU H 42 -24.97 -2.95 11.95
C LEU H 42 -24.12 -4.18 12.34
N LYS H 43 -23.56 -4.19 13.54
CA LYS H 43 -22.79 -5.33 14.02
C LYS H 43 -23.56 -6.61 13.69
N SER H 44 -24.86 -6.58 13.91
CA SER H 44 -25.64 -7.81 13.87
C SER H 44 -26.10 -8.28 12.48
N MSE H 45 -25.96 -7.43 11.47
CA MSE H 45 -26.56 -7.70 10.15
C MSE H 45 -25.82 -8.69 9.23
O MSE H 45 -24.61 -8.58 9.04
CB MSE H 45 -26.79 -6.40 9.38
CG MSE H 45 -27.67 -5.44 10.09
SE MSE H 45 -27.96 -3.90 8.93
CE MSE H 45 -29.22 -4.69 7.64
N LYS H 46 -26.60 -9.61 8.64
CA LYS H 46 -26.15 -10.60 7.65
C LYS H 46 -25.65 -9.98 6.32
N LEU H 47 -24.66 -10.61 5.70
CA LEU H 47 -24.18 -10.16 4.40
C LEU H 47 -24.50 -11.16 3.32
N LEU H 48 -23.99 -12.36 3.45
CA LEU H 48 -24.35 -13.41 2.53
C LEU H 48 -24.32 -14.74 3.23
N GLU H 49 -25.04 -15.69 2.65
CA GLU H 49 -25.13 -17.04 3.19
C GLU H 49 -24.22 -18.01 2.38
N ASP H 50 -24.42 -19.33 2.56
CA ASP H 50 -23.46 -20.36 2.10
C ASP H 50 -23.53 -20.75 0.61
N THR H 51 -24.58 -21.45 0.21
CA THR H 51 -24.72 -21.94 -1.17
C THR H 51 -25.33 -20.86 -2.07
N ARG H 57 -15.43 -19.90 -1.35
CA ARG H 57 -14.84 -18.63 -1.00
C ARG H 57 -15.59 -17.44 -1.59
N TYR H 58 -16.02 -16.56 -0.69
CA TYR H 58 -16.85 -15.44 -1.04
C TYR H 58 -16.09 -14.16 -0.79
N ILE H 59 -16.38 -13.14 -1.57
CA ILE H 59 -15.64 -11.90 -1.43
C ILE H 59 -16.54 -10.69 -1.21
N VAL H 60 -16.42 -10.08 -0.03
CA VAL H 60 -17.28 -8.95 0.36
C VAL H 60 -16.58 -7.60 0.10
N SER H 61 -17.27 -6.70 -0.61
CA SER H 61 -16.78 -5.35 -0.87
C SER H 61 -17.25 -4.42 0.24
N ILE H 62 -16.40 -3.49 0.68
CA ILE H 62 -16.85 -2.43 1.60
C ILE H 62 -18.08 -1.63 1.11
N MSE H 63 -18.25 -1.48 -0.21
CA MSE H 63 -19.45 -0.80 -0.78
C MSE H 63 -20.76 -1.50 -0.42
O MSE H 63 -21.81 -0.87 -0.32
CB MSE H 63 -19.33 -0.72 -2.29
CG MSE H 63 -18.08 0.03 -2.75
SE MSE H 63 -18.10 1.94 -2.20
CE MSE H 63 -19.15 2.62 -3.70
N LYS H 64 -20.71 -2.80 -0.22
CA LYS H 64 -21.85 -3.53 0.20
C LYS H 64 -22.19 -3.20 1.60
N ILE H 65 -21.18 -3.01 2.41
CA ILE H 65 -21.46 -2.65 3.77
C ILE H 65 -21.93 -1.18 3.86
N ILE H 66 -21.42 -0.33 2.96
CA ILE H 66 -21.77 1.10 2.95
C ILE H 66 -23.25 1.20 2.58
N GLU H 67 -23.63 0.53 1.50
CA GLU H 67 -25.04 0.38 1.09
C GLU H 67 -25.95 -0.09 2.21
N MSE H 68 -25.56 -1.13 2.93
CA MSE H 68 -26.38 -1.66 4.02
C MSE H 68 -26.63 -0.62 5.10
O MSE H 68 -27.76 -0.46 5.54
CB MSE H 68 -25.76 -2.91 4.64
CG MSE H 68 -25.48 -4.00 3.64
SE MSE H 68 -25.13 -5.69 4.56
CE MSE H 68 -26.96 -6.37 4.47
N ALA H 69 -25.57 0.04 5.55
CA ALA H 69 -25.69 1.18 6.42
C ALA H 69 -26.53 2.29 5.76
N ASP H 70 -26.29 2.59 4.50
CA ASP H 70 -27.08 3.68 3.93
C ASP H 70 -28.56 3.35 3.92
N GLN H 71 -28.90 2.11 3.61
CA GLN H 71 -30.27 1.67 3.59
C GLN H 71 -30.85 1.60 4.99
N THR H 72 -30.02 1.45 6.01
CA THR H 72 -30.52 1.16 7.35
C THR H 72 -30.68 2.37 8.28
N PHE H 73 -29.73 3.31 8.22
CA PHE H 73 -29.68 4.46 9.12
C PHE H 73 -29.94 5.78 8.36
N GLN H 74 -30.49 6.74 9.08
CA GLN H 74 -30.96 7.95 8.43
C GLN H 74 -29.85 8.98 8.39
N ASN H 75 -28.99 9.00 9.41
CA ASN H 75 -28.06 10.10 9.56
C ASN H 75 -26.62 9.71 9.98
N VAL H 76 -25.99 8.88 9.14
CA VAL H 76 -24.73 8.28 9.42
C VAL H 76 -23.83 8.47 8.22
N ASP H 77 -22.64 9.04 8.39
CA ASP H 77 -21.64 8.86 7.34
C ASP H 77 -20.50 7.99 7.78
N ILE H 78 -19.92 7.34 6.78
CA ILE H 78 -18.97 6.32 6.96
C ILE H 78 -17.61 6.87 6.57
N GLN H 79 -16.66 6.55 7.42
CA GLN H 79 -15.24 6.75 7.18
CA GLN H 79 -15.26 6.73 7.09
C GLN H 79 -14.62 5.34 7.12
N ASN H 80 -14.15 4.91 5.96
CA ASN H 80 -13.52 3.64 5.83
C ASN H 80 -12.09 3.70 6.27
N ILE H 81 -11.73 2.85 7.23
CA ILE H 81 -10.39 2.90 7.78
C ILE H 81 -9.56 1.77 7.20
N GLY H 82 -10.20 0.65 6.91
CA GLY H 82 -9.50 -0.58 6.62
C GLY H 82 -9.46 -0.94 5.15
N GLU H 83 -9.49 -2.24 4.91
CA GLU H 83 -9.48 -2.78 3.55
C GLU H 83 -10.77 -2.47 2.79
N THR H 84 -10.74 -2.67 1.47
CA THR H 84 -11.93 -2.45 0.67
C THR H 84 -12.58 -3.76 0.21
N GLU H 85 -11.91 -4.87 0.49
CA GLU H 85 -12.37 -6.20 0.10
C GLU H 85 -11.91 -7.15 1.17
N CYS H 86 -12.77 -8.10 1.47
CA CYS H 86 -12.50 -9.13 2.46
C CYS H 86 -12.86 -10.43 1.84
N VAL H 87 -11.96 -11.38 1.96
CA VAL H 87 -12.21 -12.73 1.47
C VAL H 87 -12.79 -13.54 2.59
N VAL H 88 -14.04 -13.95 2.42
CA VAL H 88 -14.69 -14.84 3.37
C VAL H 88 -14.67 -16.31 2.90
N GLU H 89 -14.24 -17.19 3.81
CA GLU H 89 -14.16 -18.64 3.51
C GLU H 89 -14.93 -19.47 4.53
N PHE H 90 -15.83 -20.30 4.03
CA PHE H 90 -16.58 -21.22 4.87
C PHE H 90 -15.88 -22.58 4.96
N LYS H 91 -15.51 -22.98 6.17
CA LYS H 91 -14.80 -24.23 6.39
C LYS H 91 -15.72 -25.44 6.36
N THR H 92 -15.14 -26.59 6.01
CA THR H 92 -15.78 -27.93 5.89
C THR H 92 -17.26 -27.98 5.42
N PRO H 93 -17.69 -27.04 4.54
CA PRO H 93 -19.12 -26.75 4.36
C PRO H 93 -20.11 -27.78 4.91
S SO4 I . 1.41 -27.99 -0.80
O1 SO4 I . 1.89 -28.51 -2.07
O2 SO4 I . 1.43 -29.00 0.27
O3 SO4 I . 2.30 -26.90 -0.35
O4 SO4 I . 0.02 -27.55 -0.95
S SO4 J . 9.73 -27.22 16.07
O1 SO4 J . 10.53 -28.07 15.18
O2 SO4 J . 9.90 -27.62 17.47
O3 SO4 J . 10.14 -25.82 15.93
O4 SO4 J . 8.32 -27.39 15.68
S SO4 K . 10.01 -6.21 12.97
O1 SO4 K . 10.64 -7.29 12.19
O2 SO4 K . 10.72 -6.22 14.27
O3 SO4 K . 10.22 -4.94 12.23
O4 SO4 K . 8.59 -6.45 13.25
S SO4 L . -1.15 -23.70 0.39
O1 SO4 L . -1.14 -22.58 -0.57
O2 SO4 L . -0.80 -24.93 -0.31
O3 SO4 L . -0.17 -23.45 1.45
O4 SO4 L . -2.50 -23.81 0.96
S SO4 M . 15.20 7.48 -4.29
O1 SO4 M . 13.94 7.49 -5.03
O2 SO4 M . 15.87 6.16 -4.48
O3 SO4 M . 16.05 8.57 -4.79
O4 SO4 M . 14.91 7.78 -2.88
S SO4 N . 13.48 19.77 8.45
O1 SO4 N . 12.59 20.74 7.82
O2 SO4 N . 13.68 18.66 7.51
O3 SO4 N . 14.82 20.29 8.75
O4 SO4 N . 12.84 19.31 9.67
S SO4 O . -21.27 -12.99 -5.00
O1 SO4 O . -21.88 -11.68 -4.69
O2 SO4 O . -21.02 -13.07 -6.43
O3 SO4 O . -20.01 -13.16 -4.26
O4 SO4 O . -22.19 -14.02 -4.52
S SO4 P . -5.19 9.15 30.73
O1 SO4 P . -5.82 10.46 30.99
O2 SO4 P . -5.69 8.54 29.49
O3 SO4 P . -3.74 9.37 30.64
O4 SO4 P . -5.48 8.21 31.82
S SO4 Q . 7.15 -10.87 21.46
O1 SO4 Q . 5.90 -11.45 20.98
O2 SO4 Q . 7.83 -11.91 22.27
O3 SO4 Q . 8.04 -10.39 20.37
O4 SO4 Q . 6.81 -9.71 22.26
S SO4 R . -1.22 -6.77 20.41
O1 SO4 R . -2.28 -6.16 19.65
O2 SO4 R . -0.53 -7.74 19.56
O3 SO4 R . -0.34 -5.76 20.98
O4 SO4 R . -1.78 -7.44 21.56
S SO4 S . 8.27 -12.64 30.60
O1 SO4 S . 7.51 -11.39 30.57
O2 SO4 S . 7.47 -13.77 30.14
O3 SO4 S . 9.41 -12.43 29.70
O4 SO4 S . 8.75 -12.98 31.94
S SO4 T . 5.72 13.79 9.88
O1 SO4 T . 5.06 12.47 9.96
O2 SO4 T . 6.43 14.10 11.12
O3 SO4 T . 6.68 13.82 8.76
O4 SO4 T . 4.64 14.76 9.74
S SO4 U . 2.36 33.33 2.31
O1 SO4 U . 1.08 33.25 1.59
O2 SO4 U . 3.05 32.05 2.25
O3 SO4 U . 3.21 34.35 1.66
O4 SO4 U . 2.12 33.70 3.71
S SO4 V . -3.27 13.85 -10.76
O1 SO4 V . -2.82 14.70 -11.87
O2 SO4 V . -3.73 12.61 -11.38
O3 SO4 V . -2.14 13.62 -9.85
O4 SO4 V . -4.39 14.49 -10.02
S SO4 W . -22.08 14.62 -19.36
O1 SO4 W . -22.05 15.78 -20.27
O2 SO4 W . -22.45 13.40 -20.10
O3 SO4 W . -20.76 14.49 -18.76
O4 SO4 W . -23.09 14.86 -18.33
S SO4 X . -16.55 -3.79 -6.13
O1 SO4 X . -17.40 -4.24 -7.24
O2 SO4 X . -16.05 -5.00 -5.47
O3 SO4 X . -15.44 -2.97 -6.59
O4 SO4 X . -17.41 -3.02 -5.19
S SO4 Y . -31.81 5.71 12.26
O1 SO4 Y . -31.54 6.52 11.06
O2 SO4 Y . -32.11 4.32 11.90
O3 SO4 Y . -30.67 5.73 13.18
O4 SO4 Y . -32.94 6.33 12.96
#